data_8BAM
#
_entry.id   8BAM
#
_cell.length_a   57.654
_cell.length_b   98.058
_cell.length_c   177.336
_cell.angle_alpha   90.000
_cell.angle_beta   90.000
_cell.angle_gamma   90.000
#
_symmetry.space_group_name_H-M   'P 21 21 21'
#
loop_
_entity.id
_entity.type
_entity.pdbx_description
1 polymer 'Probable vanillyl-alcohol oxidase'
2 non-polymer 'FLAVIN-ADENINE DINUCLEOTIDE'
3 non-polymer 2,6-dimethoxy-4-(3-oxidanylpropyl)phenol
4 non-polymer GLYCEROL
5 water water
#
_entity_poly.entity_id   1
_entity_poly.type   'polypeptide(L)'
_entity_poly.pdbx_seq_one_letter_code
;MTRTLPPGVSDERFDAALQRFRDVVGDKWVLSTADELEAFRDPYPVGAAEANLPSAVVSPESTEQVQDIVRIANEYGIPL
HPVSTGKNNGYGGAAPRLSGSVIVKTGERMNRILEVNEKYGYALLEPGVTYFDLYEYLQSHDSGLMLDCPELGWGSVVGN
TLDRGVGYTPYGDHFMWQTGLEVVLPQGEVMRTGMGALPGSDAWQLFPYGFGPFPDGMFTQSNLGIVTKMGIALMQRPPA
SQSFLITFDKEEDLEQIVDIMLPLRINMAPLQNVPVLRNIFMDAAAVSKRTEWFDGDGPMPAEAIERMKKDLDLGFWNFY
GTLYGPPPLIEMYYGMIKEAFGKIPGARFFTHEERDDRGGHVLQDRHKINNGIPSLDELQQLDWVPNGGHIGFVPVSAPD
GREAMKQFEMVRNRANEYNKDYMASFVIGLREMYHVCLFIYDTADPEAREEILQMTKVLVREAAEAGYGEYRTHNALMDD
VMATFNWGDGALLKFHEKIKDALDPNGIIAPGKSGIWPQRFRGQNL
;
_entity_poly.pdbx_strand_id   A,B
#
loop_
_chem_comp.id
_chem_comp.type
_chem_comp.name
_chem_comp.formula
FAD non-polymer 'FLAVIN-ADENINE DINUCLEOTIDE' 'C27 H33 N9 O15 P2'
GOL non-polymer GLYCEROL 'C3 H8 O3'
QBF non-polymer 2,6-dimethoxy-4-(3-oxidanylpropyl)phenol 'C11 H16 O4'
#
# COMPACT_ATOMS: atom_id res chain seq x y z
N THR A 2 -33.92 -4.36 -29.60
CA THR A 2 -34.44 -5.27 -28.59
C THR A 2 -33.96 -4.91 -27.18
N ARG A 3 -34.73 -5.37 -26.21
CA ARG A 3 -34.42 -5.15 -24.80
C ARG A 3 -33.07 -5.78 -24.42
N THR A 4 -32.28 -5.04 -23.65
CA THR A 4 -31.00 -5.57 -23.14
C THR A 4 -31.26 -6.44 -21.92
N LEU A 5 -30.81 -7.69 -21.97
CA LEU A 5 -31.04 -8.66 -20.91
C LEU A 5 -29.71 -9.25 -20.42
N PRO A 6 -29.62 -9.61 -19.14
CA PRO A 6 -28.44 -10.34 -18.66
C PRO A 6 -28.27 -11.64 -19.42
N PRO A 7 -27.04 -12.09 -19.63
CA PRO A 7 -26.81 -13.36 -20.33
C PRO A 7 -27.59 -14.50 -19.67
N GLY A 8 -28.34 -15.23 -20.49
CA GLY A 8 -29.04 -16.40 -20.01
C GLY A 8 -30.27 -16.14 -19.15
N VAL A 9 -30.68 -14.88 -19.02
CA VAL A 9 -31.80 -14.50 -18.18
C VAL A 9 -32.97 -14.10 -19.08
N SER A 10 -34.11 -14.79 -18.93
CA SER A 10 -35.26 -14.50 -19.77
C SER A 10 -35.93 -13.17 -19.38
N ASP A 11 -36.79 -12.68 -20.28
CA ASP A 11 -37.57 -11.48 -19.98
C ASP A 11 -38.36 -11.65 -18.69
N GLU A 12 -38.99 -12.81 -18.51
CA GLU A 12 -39.84 -13.02 -17.34
C GLU A 12 -39.02 -13.05 -16.07
N ARG A 13 -37.87 -13.72 -16.10
CA ARG A 13 -36.99 -13.76 -14.94
C ARG A 13 -36.44 -12.36 -14.62
N PHE A 14 -36.03 -11.63 -15.67
CA PHE A 14 -35.50 -10.29 -15.45
C PHE A 14 -36.57 -9.36 -14.88
N ASP A 15 -37.80 -9.46 -15.39
CA ASP A 15 -38.89 -8.68 -14.83
C ASP A 15 -39.09 -8.99 -13.35
N ALA A 16 -39.00 -10.26 -12.97
CA ALA A 16 -39.17 -10.61 -11.57
C ALA A 16 -38.04 -10.05 -10.73
N ALA A 17 -36.82 -10.09 -11.27
CA ALA A 17 -35.68 -9.53 -10.55
C ALA A 17 -35.80 -8.01 -10.41
N LEU A 18 -36.25 -7.34 -11.48
CA LEU A 18 -36.43 -5.89 -11.41
C LEU A 18 -37.44 -5.52 -10.33
N GLN A 19 -38.52 -6.32 -10.19
CA GLN A 19 -39.49 -6.00 -9.15
C GLN A 19 -38.91 -6.23 -7.76
N ARG A 20 -38.11 -7.28 -7.58
CA ARG A 20 -37.43 -7.46 -6.31
C ARG A 20 -36.50 -6.28 -6.02
N PHE A 21 -35.79 -5.78 -7.04
CA PHE A 21 -34.95 -4.60 -6.81
C PHE A 21 -35.80 -3.41 -6.37
N ARG A 22 -36.97 -3.22 -7.01
CA ARG A 22 -37.86 -2.13 -6.61
C ARG A 22 -38.34 -2.31 -5.18
N ASP A 23 -38.60 -3.55 -4.77
CA ASP A 23 -38.94 -3.82 -3.38
C ASP A 23 -37.88 -3.26 -2.45
N VAL A 24 -36.60 -3.39 -2.83
CA VAL A 24 -35.51 -3.00 -1.95
C VAL A 24 -35.33 -1.50 -1.93
N VAL A 25 -35.18 -0.89 -3.11
CA VAL A 25 -34.75 0.51 -3.15
C VAL A 25 -35.89 1.49 -3.42
N GLY A 26 -37.05 1.01 -3.84
CA GLY A 26 -38.14 1.89 -4.25
C GLY A 26 -38.27 1.95 -5.75
N ASP A 27 -39.51 1.97 -6.28
CA ASP A 27 -39.65 1.84 -7.72
C ASP A 27 -39.07 3.03 -8.47
N LYS A 28 -39.05 4.22 -7.83
CA LYS A 28 -38.40 5.40 -8.40
C LYS A 28 -36.91 5.20 -8.64
N TRP A 29 -36.29 4.26 -7.93
CA TRP A 29 -34.84 4.17 -7.90
C TRP A 29 -34.35 2.97 -8.70
N VAL A 30 -35.18 2.44 -9.58
CA VAL A 30 -34.79 1.42 -10.54
C VAL A 30 -35.13 1.94 -11.93
N LEU A 31 -34.12 2.06 -12.78
CA LEU A 31 -34.30 2.46 -14.17
C LEU A 31 -34.14 1.24 -15.06
N SER A 32 -35.01 1.12 -16.08
CA SER A 32 -34.88 -0.02 -16.97
C SER A 32 -35.39 0.22 -18.40
N THR A 33 -35.82 1.41 -18.77
CA THR A 33 -36.22 1.63 -20.16
C THR A 33 -35.04 2.08 -20.99
N ALA A 34 -35.14 1.89 -22.30
CA ALA A 34 -34.05 2.26 -23.21
C ALA A 34 -33.71 3.74 -23.10
N ASP A 35 -34.72 4.61 -23.02
CA ASP A 35 -34.46 6.04 -22.90
C ASP A 35 -33.74 6.36 -21.59
N GLU A 36 -34.18 5.74 -20.49
CA GLU A 36 -33.54 5.96 -19.20
C GLU A 36 -32.10 5.51 -19.21
N LEU A 37 -31.82 4.39 -19.88
CA LEU A 37 -30.49 3.80 -19.85
C LEU A 37 -29.53 4.51 -20.78
N GLU A 38 -30.05 5.30 -21.72
CA GLU A 38 -29.19 6.00 -22.67
C GLU A 38 -28.11 6.81 -21.96
N ALA A 39 -28.46 7.45 -20.84
CA ALA A 39 -27.51 8.26 -20.10
C ALA A 39 -26.43 7.45 -19.41
N PHE A 40 -26.58 6.13 -19.33
CA PHE A 40 -25.60 5.27 -18.66
C PHE A 40 -24.73 4.51 -19.62
N ARG A 41 -24.97 4.72 -20.91
CA ARG A 41 -24.05 4.31 -21.94
C ARG A 41 -22.71 5.04 -21.81
N ASP A 42 -21.67 4.40 -22.30
CA ASP A 42 -20.36 5.01 -22.35
C ASP A 42 -20.45 6.33 -23.12
N PRO A 43 -20.13 7.47 -22.50
CA PRO A 43 -20.24 8.74 -23.23
C PRO A 43 -19.21 8.89 -24.32
N TYR A 44 -18.12 8.13 -24.25
CA TYR A 44 -17.05 8.16 -25.24
C TYR A 44 -16.93 6.76 -25.84
N PRO A 45 -17.91 6.36 -26.64
CA PRO A 45 -17.96 4.97 -27.10
C PRO A 45 -16.76 4.61 -27.95
N VAL A 46 -16.32 3.36 -27.79
CA VAL A 46 -15.15 2.80 -28.46
C VAL A 46 -15.65 1.67 -29.36
N GLY A 47 -15.17 1.65 -30.60
CA GLY A 47 -15.63 0.66 -31.57
C GLY A 47 -16.90 1.10 -32.27
N ALA A 48 -17.04 0.65 -33.52
CA ALA A 48 -18.25 1.01 -34.27
C ALA A 48 -19.48 0.33 -33.70
N ALA A 49 -19.37 -0.95 -33.37
CA ALA A 49 -20.53 -1.71 -32.91
C ALA A 49 -20.89 -1.37 -31.48
N GLU A 50 -22.17 -1.56 -31.16
CA GLU A 50 -22.69 -1.40 -29.80
C GLU A 50 -21.96 -2.31 -28.83
N ALA A 51 -21.69 -1.81 -27.63
CA ALA A 51 -21.02 -2.61 -26.61
C ALA A 51 -21.33 -2.05 -25.24
N ASN A 52 -21.14 -2.89 -24.21
CA ASN A 52 -21.18 -2.44 -22.82
C ASN A 52 -22.53 -1.83 -22.46
N LEU A 53 -23.60 -2.57 -22.76
CA LEU A 53 -24.96 -2.05 -22.61
C LEU A 53 -25.51 -2.46 -21.25
N PRO A 54 -25.91 -1.51 -20.40
CA PRO A 54 -26.57 -1.88 -19.14
C PRO A 54 -28.00 -2.34 -19.40
N SER A 55 -28.45 -3.28 -18.56
CA SER A 55 -29.85 -3.69 -18.61
C SER A 55 -30.74 -2.91 -17.65
N ALA A 56 -30.16 -2.30 -16.63
CA ALA A 56 -30.93 -1.51 -15.65
C ALA A 56 -29.94 -0.74 -14.77
N VAL A 57 -30.48 0.20 -13.99
CA VAL A 57 -29.72 0.93 -12.98
C VAL A 57 -30.49 0.87 -11.68
N VAL A 58 -29.81 0.49 -10.60
CA VAL A 58 -30.41 0.42 -9.27
C VAL A 58 -29.64 1.36 -8.36
N SER A 59 -30.36 2.22 -7.65
CA SER A 59 -29.76 3.22 -6.75
C SER A 59 -30.08 2.92 -5.30
N PRO A 60 -29.20 2.24 -4.56
CA PRO A 60 -29.49 1.91 -3.16
C PRO A 60 -29.26 3.09 -2.23
N GLU A 61 -29.99 3.07 -1.13
CA GLU A 61 -29.90 4.12 -0.12
C GLU A 61 -28.94 3.77 1.01
N SER A 62 -28.53 2.51 1.13
CA SER A 62 -27.84 2.07 2.32
C SER A 62 -27.06 0.80 2.01
N THR A 63 -26.08 0.53 2.86
CA THR A 63 -25.34 -0.72 2.81
C THR A 63 -26.28 -1.91 2.89
N GLU A 64 -27.26 -1.85 3.79
CA GLU A 64 -28.23 -2.92 3.90
C GLU A 64 -28.96 -3.17 2.59
N GLN A 65 -29.31 -2.10 1.86
CA GLN A 65 -29.94 -2.28 0.57
C GLN A 65 -28.97 -2.87 -0.45
N VAL A 66 -27.69 -2.48 -0.40
CA VAL A 66 -26.70 -3.11 -1.28
C VAL A 66 -26.64 -4.60 -1.02
N GLN A 67 -26.60 -4.99 0.26
CA GLN A 67 -26.61 -6.42 0.60
C GLN A 67 -27.81 -7.11 -0.02
N ASP A 68 -29.00 -6.50 0.08
CA ASP A 68 -30.19 -7.15 -0.45
C ASP A 68 -30.13 -7.26 -1.96
N ILE A 69 -29.65 -6.21 -2.63
CA ILE A 69 -29.50 -6.22 -4.08
C ILE A 69 -28.55 -7.34 -4.50
N VAL A 70 -27.45 -7.50 -3.77
CA VAL A 70 -26.49 -8.53 -4.11
C VAL A 70 -27.11 -9.92 -3.92
N ARG A 71 -27.89 -10.09 -2.85
CA ARG A 71 -28.56 -11.37 -2.62
C ARG A 71 -29.52 -11.70 -3.76
N ILE A 72 -30.34 -10.73 -4.16
CA ILE A 72 -31.27 -10.94 -5.27
C ILE A 72 -30.52 -11.28 -6.54
N ALA A 73 -29.41 -10.59 -6.80
CA ALA A 73 -28.67 -10.85 -8.02
C ALA A 73 -28.11 -12.27 -8.04
N ASN A 74 -27.65 -12.76 -6.87
CA ASN A 74 -27.21 -14.15 -6.78
C ASN A 74 -28.34 -15.11 -7.09
N GLU A 75 -29.53 -14.83 -6.56
CA GLU A 75 -30.68 -15.72 -6.78
C GLU A 75 -31.05 -15.80 -8.25
N TYR A 76 -30.97 -14.68 -8.97
CA TYR A 76 -31.42 -14.63 -10.34
C TYR A 76 -30.30 -14.75 -11.37
N GLY A 77 -29.04 -14.76 -10.96
CA GLY A 77 -27.97 -14.80 -11.93
C GLY A 77 -27.74 -13.48 -12.65
N ILE A 78 -28.05 -12.37 -11.99
CA ILE A 78 -27.96 -11.04 -12.60
C ILE A 78 -26.56 -10.49 -12.33
N PRO A 79 -25.77 -10.17 -13.34
CA PRO A 79 -24.48 -9.51 -13.06
C PRO A 79 -24.70 -8.08 -12.63
N LEU A 80 -23.87 -7.62 -11.69
CA LEU A 80 -23.95 -6.26 -11.16
C LEU A 80 -22.64 -5.52 -11.41
N HIS A 81 -22.75 -4.31 -11.93
CA HIS A 81 -21.59 -3.43 -12.11
C HIS A 81 -21.68 -2.27 -11.12
N PRO A 82 -20.92 -2.30 -10.02
CA PRO A 82 -21.01 -1.22 -9.04
C PRO A 82 -20.20 -0.03 -9.49
N VAL A 83 -20.79 1.15 -9.34
CA VAL A 83 -20.08 2.40 -9.55
C VAL A 83 -20.39 3.30 -8.38
N SER A 84 -19.62 4.38 -8.29
CA SER A 84 -19.87 5.38 -7.27
C SER A 84 -20.64 6.50 -7.96
N THR A 85 -19.92 7.36 -8.67
CA THR A 85 -20.58 8.39 -9.47
C THR A 85 -20.66 8.03 -10.95
N GLY A 86 -19.92 7.02 -11.39
CA GLY A 86 -20.00 6.56 -12.77
C GLY A 86 -19.44 7.54 -13.78
N LYS A 87 -18.42 8.31 -13.39
CA LYS A 87 -17.78 9.27 -14.27
C LYS A 87 -16.43 8.78 -14.79
N ASN A 88 -16.28 7.46 -14.96
CA ASN A 88 -15.00 6.90 -15.38
C ASN A 88 -14.76 7.13 -16.86
N ASN A 89 -14.89 8.37 -17.30
CA ASN A 89 -14.83 8.70 -18.72
C ASN A 89 -13.41 8.56 -19.25
N GLY A 90 -13.29 7.94 -20.42
CA GLY A 90 -12.02 7.48 -20.95
C GLY A 90 -11.79 6.00 -20.73
N TYR A 91 -12.55 5.41 -19.81
CA TYR A 91 -12.41 4.01 -19.45
C TYR A 91 -13.73 3.26 -19.51
N GLY A 92 -14.81 3.92 -19.96
CA GLY A 92 -16.08 3.24 -20.09
C GLY A 92 -17.23 4.02 -19.49
N GLY A 93 -16.94 5.12 -18.80
CA GLY A 93 -17.99 5.85 -18.11
C GLY A 93 -18.60 5.01 -17.01
N ALA A 94 -19.93 4.96 -16.97
CA ALA A 94 -20.62 4.07 -16.05
C ALA A 94 -20.93 2.71 -16.66
N ALA A 95 -20.57 2.50 -17.92
CA ALA A 95 -21.07 1.33 -18.63
C ALA A 95 -20.38 0.05 -18.14
N PRO A 96 -21.10 -1.07 -18.08
CA PRO A 96 -20.49 -2.31 -17.61
C PRO A 96 -19.66 -2.96 -18.70
N ARG A 97 -18.58 -3.63 -18.28
CA ARG A 97 -17.82 -4.43 -19.23
C ARG A 97 -18.71 -5.48 -19.89
N LEU A 98 -19.53 -6.17 -19.10
CA LEU A 98 -20.41 -7.21 -19.61
C LEU A 98 -21.77 -6.62 -19.94
N SER A 99 -22.15 -6.68 -21.21
CA SER A 99 -23.47 -6.19 -21.60
C SER A 99 -24.56 -7.01 -20.92
N GLY A 100 -25.62 -6.33 -20.51
CA GLY A 100 -26.70 -6.94 -19.76
C GLY A 100 -26.56 -6.85 -18.26
N SER A 101 -25.44 -6.32 -17.77
CA SER A 101 -25.27 -6.14 -16.34
C SER A 101 -26.15 -5.01 -15.83
N VAL A 102 -26.52 -5.10 -14.56
CA VAL A 102 -27.25 -4.02 -13.89
C VAL A 102 -26.25 -3.13 -13.19
N ILE A 103 -26.30 -1.83 -13.48
CA ILE A 103 -25.44 -0.87 -12.80
C ILE A 103 -26.00 -0.63 -11.41
N VAL A 104 -25.15 -0.76 -10.39
CA VAL A 104 -25.52 -0.37 -9.02
C VAL A 104 -24.84 0.96 -8.76
N LYS A 105 -25.61 2.05 -8.86
CA LYS A 105 -25.06 3.40 -8.71
C LYS A 105 -25.15 3.74 -7.23
N THR A 106 -24.09 3.38 -6.50
CA THR A 106 -24.10 3.60 -5.05
C THR A 106 -24.12 5.07 -4.71
N GLY A 107 -23.53 5.91 -5.56
CA GLY A 107 -23.32 7.29 -5.17
C GLY A 107 -24.53 8.18 -5.28
N GLU A 108 -25.57 7.72 -5.99
CA GLU A 108 -26.77 8.54 -6.17
C GLU A 108 -27.38 8.91 -4.84
N ARG A 109 -27.54 7.92 -3.95
CA ARG A 109 -28.13 8.18 -2.65
C ARG A 109 -27.20 7.94 -1.47
N MET A 110 -26.11 7.19 -1.66
CA MET A 110 -25.13 7.00 -0.59
C MET A 110 -24.03 8.03 -0.81
N ASN A 111 -24.30 9.25 -0.35
CA ASN A 111 -23.48 10.39 -0.72
C ASN A 111 -23.06 11.23 0.48
N ARG A 112 -23.01 10.65 1.67
CA ARG A 112 -22.72 11.39 2.88
C ARG A 112 -21.24 11.44 3.19
N ILE A 113 -20.78 12.61 3.62
CA ILE A 113 -19.51 12.74 4.33
C ILE A 113 -19.74 12.28 5.75
N LEU A 114 -19.21 11.10 6.09
CA LEU A 114 -19.53 10.52 7.40
C LEU A 114 -18.70 11.15 8.51
N GLU A 115 -17.45 11.51 8.21
CA GLU A 115 -16.61 12.15 9.21
C GLU A 115 -15.47 12.85 8.49
N VAL A 116 -15.13 14.04 8.97
CA VAL A 116 -13.86 14.68 8.62
C VAL A 116 -13.20 15.02 9.92
N ASN A 117 -12.00 14.49 10.15
CA ASN A 117 -11.27 14.68 11.40
C ASN A 117 -10.12 15.66 11.15
N GLU A 118 -10.24 16.86 11.75
CA GLU A 118 -9.22 17.89 11.59
C GLU A 118 -7.91 17.53 12.27
N LYS A 119 -7.99 16.89 13.44
CA LYS A 119 -6.79 16.64 14.24
C LYS A 119 -5.88 15.62 13.57
N TYR A 120 -6.44 14.48 13.16
CA TYR A 120 -5.67 13.43 12.53
C TYR A 120 -5.65 13.50 11.01
N GLY A 121 -6.42 14.41 10.42
CA GLY A 121 -6.38 14.59 8.97
C GLY A 121 -6.92 13.41 8.19
N TYR A 122 -8.22 13.18 8.24
CA TYR A 122 -8.80 12.12 7.42
C TYR A 122 -10.28 12.40 7.19
N ALA A 123 -10.85 11.70 6.22
CA ALA A 123 -12.28 11.71 5.97
C ALA A 123 -12.76 10.27 5.85
N LEU A 124 -14.00 10.04 6.28
CA LEU A 124 -14.69 8.78 6.06
C LEU A 124 -15.90 9.11 5.19
N LEU A 125 -15.98 8.47 4.03
CA LEU A 125 -16.83 8.93 2.95
C LEU A 125 -17.68 7.81 2.40
N GLU A 126 -18.90 8.17 1.97
CA GLU A 126 -19.71 7.29 1.13
C GLU A 126 -19.36 7.53 -0.34
N PRO A 127 -19.76 6.62 -1.23
CA PRO A 127 -19.29 6.71 -2.62
C PRO A 127 -19.79 7.93 -3.37
N GLY A 128 -20.90 8.54 -2.94
CA GLY A 128 -21.39 9.67 -3.70
C GLY A 128 -20.76 11.00 -3.40
N VAL A 129 -19.79 11.07 -2.49
CA VAL A 129 -19.11 12.34 -2.22
C VAL A 129 -18.19 12.66 -3.39
N THR A 130 -18.49 13.74 -4.11
CA THR A 130 -17.60 14.15 -5.17
C THR A 130 -16.47 15.00 -4.60
N TYR A 131 -15.43 15.20 -5.41
CA TYR A 131 -14.38 16.13 -5.03
C TYR A 131 -14.96 17.51 -4.77
N PHE A 132 -15.93 17.94 -5.58
CA PHE A 132 -16.56 19.24 -5.31
C PHE A 132 -17.28 19.22 -3.98
N ASP A 133 -17.95 18.12 -3.65
CA ASP A 133 -18.65 18.02 -2.37
C ASP A 133 -17.68 18.13 -1.21
N LEU A 134 -16.57 17.40 -1.29
CA LEU A 134 -15.63 17.42 -0.19
C LEU A 134 -14.97 18.77 -0.08
N TYR A 135 -14.67 19.40 -1.23
CA TYR A 135 -14.07 20.72 -1.19
C TYR A 135 -15.01 21.72 -0.52
N GLU A 136 -16.30 21.67 -0.88
CA GLU A 136 -17.24 22.62 -0.28
C GLU A 136 -17.37 22.39 1.22
N TYR A 137 -17.33 21.13 1.65
CA TYR A 137 -17.33 20.86 3.08
C TYR A 137 -16.13 21.48 3.76
N LEU A 138 -14.93 21.24 3.20
CA LEU A 138 -13.72 21.75 3.81
C LEU A 138 -13.72 23.27 3.87
N GLN A 139 -14.14 23.91 2.77
CA GLN A 139 -14.27 25.37 2.75
C GLN A 139 -15.25 25.84 3.82
N SER A 140 -16.43 25.20 3.87
CA SER A 140 -17.51 25.63 4.73
C SER A 140 -17.11 25.60 6.19
N HIS A 141 -16.27 24.64 6.56
CA HIS A 141 -15.85 24.47 7.93
C HIS A 141 -14.51 25.11 8.22
N ASP A 142 -13.98 25.89 7.28
CA ASP A 142 -12.71 26.58 7.44
C ASP A 142 -11.63 25.59 7.84
N SER A 143 -11.61 24.46 7.13
CA SER A 143 -10.69 23.38 7.46
C SER A 143 -9.26 23.76 7.14
N GLY A 144 -8.33 23.18 7.90
CA GLY A 144 -6.90 23.26 7.65
C GLY A 144 -6.40 22.19 6.72
N LEU A 145 -7.30 21.34 6.22
CA LEU A 145 -6.95 20.22 5.37
C LEU A 145 -7.23 20.54 3.90
N MET A 146 -6.61 19.77 3.02
CA MET A 146 -6.89 19.89 1.60
C MET A 146 -7.07 18.49 1.04
N LEU A 147 -7.85 18.41 -0.02
CA LEU A 147 -8.04 17.14 -0.68
C LEU A 147 -7.04 17.01 -1.82
N ASP A 148 -7.05 15.84 -2.45
CA ASP A 148 -6.25 15.60 -3.64
C ASP A 148 -7.21 15.15 -4.72
N CYS A 149 -7.25 15.92 -5.81
CA CYS A 149 -8.24 15.65 -6.85
C CYS A 149 -7.59 15.33 -8.20
N PRO A 150 -8.26 14.55 -9.00
CA PRO A 150 -7.84 14.39 -10.40
C PRO A 150 -8.21 15.63 -11.18
N GLU A 151 -8.02 15.60 -12.49
CA GLU A 151 -8.23 16.80 -13.28
C GLU A 151 -9.66 17.30 -13.22
N LEU A 152 -10.63 16.40 -13.07
CA LEU A 152 -12.05 16.76 -13.08
C LEU A 152 -12.66 16.50 -11.71
N GLY A 153 -13.36 17.49 -11.17
CA GLY A 153 -13.83 17.36 -9.81
C GLY A 153 -15.18 16.67 -9.62
N TRP A 154 -15.83 16.24 -10.69
CA TRP A 154 -17.17 15.71 -10.58
C TRP A 154 -17.20 14.22 -10.30
N GLY A 155 -16.03 13.57 -10.25
CA GLY A 155 -15.96 12.19 -9.89
C GLY A 155 -15.99 12.00 -8.39
N SER A 156 -15.78 10.76 -7.98
CA SER A 156 -16.00 10.32 -6.60
C SER A 156 -14.66 10.11 -5.93
N VAL A 157 -14.52 10.65 -4.71
CA VAL A 157 -13.29 10.40 -3.96
C VAL A 157 -13.10 8.90 -3.81
N VAL A 158 -14.20 8.17 -3.56
CA VAL A 158 -14.16 6.72 -3.41
C VAL A 158 -13.94 6.04 -4.76
N GLY A 159 -14.82 6.32 -5.74
CA GLY A 159 -14.78 5.58 -6.99
C GLY A 159 -13.46 5.73 -7.72
N ASN A 160 -12.90 6.93 -7.72
CA ASN A 160 -11.62 7.16 -8.35
C ASN A 160 -10.55 6.31 -7.67
N THR A 161 -10.56 6.29 -6.34
CA THR A 161 -9.59 5.44 -5.62
C THR A 161 -9.75 3.98 -5.98
N LEU A 162 -10.99 3.54 -6.15
CA LEU A 162 -11.24 2.12 -6.43
C LEU A 162 -10.80 1.71 -7.83
N ASP A 163 -10.54 2.66 -8.74
CA ASP A 163 -9.88 2.33 -10.01
C ASP A 163 -8.40 2.70 -9.97
N ARG A 164 -7.88 3.00 -8.76
CA ARG A 164 -6.53 3.48 -8.52
C ARG A 164 -6.20 4.71 -9.39
N GLY A 165 -7.14 5.63 -9.44
CA GLY A 165 -6.91 6.92 -10.04
C GLY A 165 -5.99 7.79 -9.19
N VAL A 166 -5.60 8.93 -9.74
CA VAL A 166 -4.53 9.69 -9.11
C VAL A 166 -4.76 11.17 -9.32
N GLY A 167 -4.19 11.93 -8.40
CA GLY A 167 -4.19 13.38 -8.47
C GLY A 167 -2.76 13.87 -8.34
N TYR A 168 -2.59 15.15 -7.98
CA TYR A 168 -1.34 15.82 -8.30
C TYR A 168 -0.69 16.52 -7.13
N THR A 169 -1.27 16.44 -5.92
CA THR A 169 -0.62 16.96 -4.72
C THR A 169 0.32 15.91 -4.17
N PRO A 170 1.04 16.16 -3.08
CA PRO A 170 1.85 15.09 -2.47
C PRO A 170 1.02 13.87 -2.05
N TYR A 171 -0.29 13.99 -1.94
CA TYR A 171 -1.18 12.86 -1.65
C TYR A 171 -1.82 12.31 -2.94
N GLY A 172 -1.12 12.43 -4.07
CA GLY A 172 -1.71 12.07 -5.34
C GLY A 172 -1.98 10.58 -5.55
N ASP A 173 -1.31 9.70 -4.80
CA ASP A 173 -1.60 8.27 -4.88
C ASP A 173 -2.79 7.96 -3.99
N HIS A 174 -3.99 7.95 -4.58
CA HIS A 174 -5.21 7.88 -3.78
C HIS A 174 -5.28 6.59 -3.00
N PHE A 175 -4.94 5.47 -3.65
CA PHE A 175 -4.99 4.21 -2.92
C PHE A 175 -4.02 4.21 -1.74
N MET A 176 -2.83 4.80 -1.91
CA MET A 176 -1.88 4.86 -0.81
C MET A 176 -2.51 5.51 0.42
N TRP A 177 -3.24 6.60 0.23
CA TRP A 177 -3.79 7.35 1.36
C TRP A 177 -5.17 6.85 1.77
N GLN A 178 -5.78 5.98 0.99
CA GLN A 178 -6.97 5.28 1.43
C GLN A 178 -6.67 4.48 2.69
N THR A 179 -7.54 4.58 3.69
CA THR A 179 -7.30 3.96 4.99
C THR A 179 -8.64 3.43 5.50
N GLY A 180 -8.85 2.11 5.38
CA GLY A 180 -10.08 1.47 5.81
C GLY A 180 -11.17 1.49 4.77
N LEU A 181 -11.90 0.39 4.62
CA LEU A 181 -13.10 0.44 3.80
C LEU A 181 -14.11 -0.55 4.35
N GLU A 182 -15.35 -0.35 3.94
CA GLU A 182 -16.43 -1.29 4.16
C GLU A 182 -16.90 -1.79 2.81
N VAL A 183 -17.07 -3.12 2.68
CA VAL A 183 -17.39 -3.71 1.39
C VAL A 183 -18.47 -4.77 1.58
N VAL A 184 -19.40 -4.82 0.64
CA VAL A 184 -20.36 -5.91 0.56
C VAL A 184 -19.75 -6.95 -0.38
N LEU A 185 -19.48 -8.14 0.15
CA LEU A 185 -18.85 -9.21 -0.63
C LEU A 185 -19.85 -9.82 -1.60
N PRO A 186 -19.39 -10.64 -2.56
CA PRO A 186 -20.26 -10.99 -3.69
C PRO A 186 -21.47 -11.84 -3.37
N GLN A 187 -21.57 -12.45 -2.18
CA GLN A 187 -22.80 -13.14 -1.81
C GLN A 187 -23.61 -12.35 -0.79
N GLY A 188 -23.22 -11.12 -0.49
CA GLY A 188 -24.03 -10.24 0.34
C GLY A 188 -23.51 -10.00 1.73
N GLU A 189 -22.42 -10.66 2.13
CA GLU A 189 -21.83 -10.44 3.44
C GLU A 189 -21.16 -9.08 3.48
N VAL A 190 -21.20 -8.42 4.62
CA VAL A 190 -20.50 -7.15 4.75
C VAL A 190 -19.28 -7.30 5.64
N MET A 191 -18.21 -6.61 5.28
CA MET A 191 -16.91 -6.72 5.92
C MET A 191 -16.25 -5.35 6.00
N ARG A 192 -15.55 -5.10 7.10
CA ARG A 192 -14.72 -3.91 7.23
C ARG A 192 -13.26 -4.31 7.27
N THR A 193 -12.42 -3.54 6.60
CA THR A 193 -10.99 -3.87 6.60
C THR A 193 -10.27 -3.10 7.69
N GLY A 194 -9.04 -3.54 7.96
CA GLY A 194 -8.16 -2.77 8.80
C GLY A 194 -8.65 -2.74 10.24
N MET A 195 -8.40 -1.60 10.90
CA MET A 195 -8.86 -1.46 12.28
C MET A 195 -10.37 -1.36 12.38
N GLY A 196 -11.06 -1.18 11.25
CA GLY A 196 -12.50 -1.25 11.26
C GLY A 196 -13.05 -2.62 11.59
N ALA A 197 -12.23 -3.66 11.41
CA ALA A 197 -12.66 -5.00 11.82
C ALA A 197 -12.61 -5.19 13.32
N LEU A 198 -12.02 -4.26 14.06
CA LEU A 198 -11.99 -4.35 15.51
C LEU A 198 -13.11 -3.47 16.07
N PRO A 199 -14.20 -4.04 16.57
CA PRO A 199 -15.34 -3.22 17.01
C PRO A 199 -14.92 -2.21 18.07
N GLY A 200 -15.31 -0.96 17.86
CA GLY A 200 -14.99 0.11 18.77
C GLY A 200 -13.67 0.81 18.54
N SER A 201 -12.86 0.35 17.59
CA SER A 201 -11.61 1.04 17.31
C SER A 201 -11.88 2.43 16.74
N ASP A 202 -11.13 3.42 17.21
CA ASP A 202 -11.12 4.74 16.61
C ASP A 202 -10.07 4.87 15.51
N ALA A 203 -9.38 3.79 15.17
CA ALA A 203 -8.21 3.86 14.31
C ALA A 203 -8.48 3.41 12.89
N TRP A 204 -9.74 3.26 12.49
CA TRP A 204 -10.06 2.80 11.13
C TRP A 204 -9.38 3.66 10.08
N GLN A 205 -9.32 4.97 10.31
CA GLN A 205 -8.72 5.87 9.34
C GLN A 205 -7.32 6.31 9.73
N LEU A 206 -6.76 5.73 10.78
CA LEU A 206 -5.40 6.06 11.21
C LEU A 206 -4.37 5.02 10.84
N PHE A 207 -4.74 3.75 10.82
CA PHE A 207 -3.80 2.67 10.57
C PHE A 207 -4.38 1.72 9.54
N PRO A 208 -3.84 1.65 8.34
CA PRO A 208 -4.55 0.97 7.25
C PRO A 208 -4.55 -0.54 7.35
N TYR A 209 -3.56 -1.13 8.03
CA TYR A 209 -3.30 -2.56 7.86
C TYR A 209 -4.17 -3.44 8.75
N GLY A 210 -4.47 -3.01 9.97
CA GLY A 210 -5.15 -3.91 10.88
C GLY A 210 -4.20 -5.06 11.25
N PHE A 211 -4.69 -6.29 11.10
CA PHE A 211 -3.97 -7.51 11.48
C PHE A 211 -4.21 -8.58 10.43
N GLY A 212 -3.17 -9.34 10.08
CA GLY A 212 -3.33 -10.40 9.12
C GLY A 212 -3.12 -9.90 7.71
N PRO A 213 -3.43 -10.72 6.71
CA PRO A 213 -3.18 -10.32 5.31
C PRO A 213 -3.91 -9.03 4.98
N PHE A 214 -3.25 -8.18 4.20
CA PHE A 214 -3.75 -6.85 3.90
C PHE A 214 -4.59 -6.88 2.63
N PRO A 215 -5.92 -6.69 2.70
CA PRO A 215 -6.76 -6.97 1.54
C PRO A 215 -7.24 -5.77 0.73
N ASP A 216 -7.06 -4.54 1.23
CA ASP A 216 -7.80 -3.42 0.61
C ASP A 216 -7.48 -3.30 -0.87
N GLY A 217 -6.23 -3.58 -1.26
CA GLY A 217 -5.87 -3.47 -2.67
C GLY A 217 -6.64 -4.41 -3.56
N MET A 218 -7.10 -5.54 -3.01
CA MET A 218 -7.85 -6.49 -3.82
C MET A 218 -9.24 -5.97 -4.18
N PHE A 219 -9.65 -4.84 -3.61
CA PHE A 219 -10.91 -4.23 -3.96
C PHE A 219 -10.73 -3.03 -4.88
N THR A 220 -9.53 -2.85 -5.44
CA THR A 220 -9.27 -1.81 -6.41
C THR A 220 -9.01 -2.46 -7.76
N GLN A 221 -9.50 -1.80 -8.82
CA GLN A 221 -9.56 -2.40 -10.17
C GLN A 221 -10.04 -3.84 -10.09
N SER A 222 -11.16 -4.01 -9.38
CA SER A 222 -11.54 -5.31 -8.84
C SER A 222 -13.00 -5.61 -9.12
N ASN A 223 -13.37 -6.88 -9.01
CA ASN A 223 -14.79 -7.24 -8.98
C ASN A 223 -15.07 -8.17 -7.80
N LEU A 224 -14.49 -7.87 -6.66
CA LEU A 224 -14.66 -8.70 -5.47
C LEU A 224 -15.66 -8.13 -4.47
N GLY A 225 -16.36 -7.05 -4.80
CA GLY A 225 -17.32 -6.53 -3.85
C GLY A 225 -17.88 -5.20 -4.31
N ILE A 226 -18.82 -4.70 -3.50
CA ILE A 226 -19.39 -3.38 -3.68
C ILE A 226 -19.03 -2.57 -2.45
N VAL A 227 -18.18 -1.58 -2.63
CA VAL A 227 -17.69 -0.79 -1.52
C VAL A 227 -18.75 0.21 -1.12
N THR A 228 -18.99 0.34 0.18
CA THR A 228 -20.03 1.20 0.72
C THR A 228 -19.51 2.36 1.57
N LYS A 229 -18.31 2.24 2.15
CA LYS A 229 -17.65 3.30 2.90
C LYS A 229 -16.16 3.19 2.63
N MET A 230 -15.47 4.33 2.64
CA MET A 230 -14.04 4.31 2.46
C MET A 230 -13.43 5.49 3.19
N GLY A 231 -12.33 5.25 3.91
CA GLY A 231 -11.60 6.33 4.53
C GLY A 231 -10.43 6.76 3.67
N ILE A 232 -10.00 8.00 3.88
CA ILE A 232 -8.82 8.52 3.18
C ILE A 232 -8.14 9.58 4.04
N ALA A 233 -6.82 9.55 4.06
CA ALA A 233 -6.06 10.57 4.77
C ALA A 233 -6.11 11.87 3.96
N LEU A 234 -6.08 12.98 4.67
CA LEU A 234 -6.12 14.32 4.09
C LEU A 234 -4.91 15.10 4.57
N MET A 235 -4.15 15.65 3.64
CA MET A 235 -2.97 16.44 3.97
C MET A 235 -3.37 17.79 4.57
N GLN A 236 -2.55 18.29 5.50
CA GLN A 236 -2.71 19.67 5.92
C GLN A 236 -2.31 20.63 4.80
N ARG A 237 -3.08 21.70 4.62
CA ARG A 237 -2.73 22.68 3.59
C ARG A 237 -1.47 23.44 3.98
N PRO A 238 -0.48 23.53 3.10
CA PRO A 238 0.76 24.27 3.40
C PRO A 238 0.51 25.75 3.56
N PRO A 239 1.48 26.46 4.15
CA PRO A 239 1.32 27.92 4.34
C PRO A 239 1.32 28.70 3.04
N ALA A 240 2.00 28.20 2.00
CA ALA A 240 2.14 28.94 0.76
C ALA A 240 2.36 27.92 -0.35
N SER A 241 2.11 28.37 -1.59
CA SER A 241 2.41 27.54 -2.74
C SER A 241 2.80 28.41 -3.92
N GLN A 242 3.42 27.78 -4.90
CA GLN A 242 3.76 28.45 -6.16
C GLN A 242 3.72 27.42 -7.26
N SER A 243 3.03 27.71 -8.35
CA SER A 243 3.05 26.79 -9.48
C SER A 243 3.90 27.37 -10.60
N PHE A 244 4.36 26.50 -11.47
CA PHE A 244 5.20 26.98 -12.54
C PHE A 244 5.01 26.13 -13.77
N LEU A 245 5.34 26.74 -14.90
CA LEU A 245 5.33 26.12 -16.21
C LEU A 245 6.73 26.25 -16.78
N ILE A 246 7.27 25.16 -17.31
CA ILE A 246 8.47 25.22 -18.13
C ILE A 246 8.09 24.80 -19.54
N THR A 247 8.31 25.68 -20.51
CA THR A 247 8.05 25.33 -21.90
C THR A 247 9.35 24.89 -22.56
N PHE A 248 9.27 23.81 -23.34
CA PHE A 248 10.41 23.29 -24.08
C PHE A 248 10.05 23.22 -25.55
N ASP A 249 10.97 23.65 -26.42
CA ASP A 249 10.62 23.95 -27.80
C ASP A 249 10.45 22.70 -28.67
N LYS A 250 11.27 21.66 -28.46
CA LYS A 250 11.37 20.56 -29.41
C LYS A 250 10.77 19.26 -28.90
N GLU A 251 10.16 18.50 -29.82
CA GLU A 251 9.71 17.14 -29.52
C GLU A 251 10.83 16.32 -28.88
N GLU A 252 12.03 16.42 -29.44
CA GLU A 252 13.17 15.64 -29.01
C GLU A 252 13.69 16.06 -27.64
N ASP A 253 13.22 17.19 -27.09
CA ASP A 253 13.61 17.57 -25.74
C ASP A 253 13.10 16.60 -24.68
N LEU A 254 12.13 15.76 -25.03
CA LEU A 254 11.54 14.84 -24.04
C LEU A 254 12.60 14.04 -23.30
N GLU A 255 13.61 13.54 -24.02
CA GLU A 255 14.64 12.73 -23.38
C GLU A 255 15.35 13.51 -22.29
N GLN A 256 15.82 14.72 -22.59
CA GLN A 256 16.58 15.46 -21.59
C GLN A 256 15.68 15.94 -20.45
N ILE A 257 14.42 16.27 -20.73
CA ILE A 257 13.53 16.72 -19.67
C ILE A 257 13.38 15.63 -18.62
N VAL A 258 13.09 14.42 -19.07
CA VAL A 258 12.86 13.33 -18.12
C VAL A 258 14.13 13.00 -17.36
N ASP A 259 15.28 13.01 -18.03
CA ASP A 259 16.51 12.64 -17.35
C ASP A 259 16.96 13.70 -16.35
N ILE A 260 16.68 14.98 -16.63
CA ILE A 260 16.97 16.02 -15.64
C ILE A 260 15.99 15.93 -14.49
N MET A 261 14.74 15.56 -14.77
CA MET A 261 13.70 15.56 -13.77
C MET A 261 13.96 14.54 -12.66
N LEU A 262 14.41 13.34 -13.03
CA LEU A 262 14.43 12.25 -12.04
C LEU A 262 15.21 12.60 -10.78
N PRO A 263 16.44 13.13 -10.83
CA PRO A 263 17.14 13.48 -9.59
C PRO A 263 16.41 14.50 -8.74
N LEU A 264 15.58 15.33 -9.35
CA LEU A 264 14.87 16.38 -8.64
C LEU A 264 13.56 15.89 -8.03
N ARG A 265 13.15 14.69 -8.41
CA ARG A 265 11.85 14.16 -8.03
C ARG A 265 11.95 13.02 -7.03
N ILE A 266 12.99 12.20 -7.14
CA ILE A 266 12.99 10.91 -6.45
C ILE A 266 12.94 11.09 -4.93
N ASN A 267 13.48 12.19 -4.42
CA ASN A 267 13.42 12.50 -2.99
C ASN A 267 12.23 13.35 -2.62
N MET A 268 11.30 13.58 -3.54
CA MET A 268 10.11 14.39 -3.31
C MET A 268 10.45 15.85 -3.06
N ALA A 269 11.63 16.25 -3.49
CA ALA A 269 12.07 17.63 -3.39
C ALA A 269 13.29 17.77 -4.27
N PRO A 270 13.45 18.89 -4.99
CA PRO A 270 12.54 20.05 -4.98
C PRO A 270 11.19 19.84 -5.67
N LEU A 271 11.01 18.75 -6.43
CA LEU A 271 9.73 18.51 -7.09
C LEU A 271 8.82 17.78 -6.10
N GLN A 272 8.08 18.57 -5.32
CA GLN A 272 7.26 18.08 -4.22
C GLN A 272 5.92 17.51 -4.66
N ASN A 273 5.34 18.07 -5.71
CA ASN A 273 4.04 17.59 -6.18
C ASN A 273 4.28 16.60 -7.30
N VAL A 274 3.19 16.12 -7.90
CA VAL A 274 3.24 15.24 -9.06
C VAL A 274 3.42 16.09 -10.31
N PRO A 275 4.62 16.15 -10.88
CA PRO A 275 4.80 16.94 -12.10
C PRO A 275 4.02 16.32 -13.25
N VAL A 276 3.58 17.16 -14.17
CA VAL A 276 3.00 16.66 -15.40
C VAL A 276 3.71 17.33 -16.57
N LEU A 277 3.99 16.53 -17.59
CA LEU A 277 4.70 17.00 -18.78
C LEU A 277 3.75 16.76 -19.93
N ARG A 278 3.13 17.84 -20.42
CA ARG A 278 2.05 17.77 -21.38
C ARG A 278 2.52 18.27 -22.73
N ASN A 279 2.12 17.58 -23.81
CA ASN A 279 2.56 18.10 -25.11
C ASN A 279 1.61 19.20 -25.59
N ILE A 280 2.00 19.85 -26.70
CA ILE A 280 1.28 21.03 -27.17
C ILE A 280 -0.15 20.67 -27.59
N PHE A 281 -0.36 19.43 -28.04
CA PHE A 281 -1.72 19.05 -28.41
C PHE A 281 -2.63 19.02 -27.20
N MET A 282 -2.11 18.51 -26.09
CA MET A 282 -2.90 18.42 -24.85
C MET A 282 -3.28 19.81 -24.35
N ASP A 283 -2.31 20.74 -24.34
CA ASP A 283 -2.61 22.08 -23.86
C ASP A 283 -3.45 22.86 -24.87
N ALA A 284 -3.19 22.67 -26.16
CA ALA A 284 -4.00 23.38 -27.15
C ALA A 284 -5.46 22.94 -27.06
N ALA A 285 -5.72 21.65 -26.87
CA ALA A 285 -7.10 21.19 -26.77
C ALA A 285 -7.81 21.80 -25.56
N ALA A 286 -7.06 22.12 -24.50
CA ALA A 286 -7.71 22.69 -23.33
C ALA A 286 -8.22 24.09 -23.57
N VAL A 287 -7.74 24.80 -24.60
CA VAL A 287 -8.10 26.20 -24.79
C VAL A 287 -8.60 26.50 -26.19
N SER A 288 -8.75 25.51 -27.07
CA SER A 288 -8.99 25.82 -28.47
C SER A 288 -9.50 24.58 -29.20
N LYS A 289 -10.05 24.82 -30.40
CA LYS A 289 -10.52 23.77 -31.28
C LYS A 289 -9.47 23.49 -32.35
N ARG A 290 -9.49 22.25 -32.87
CA ARG A 290 -8.49 21.84 -33.85
C ARG A 290 -8.53 22.73 -35.09
N THR A 291 -9.72 23.12 -35.52
CA THR A 291 -9.84 23.91 -36.74
C THR A 291 -9.30 25.33 -36.57
N GLU A 292 -9.01 25.79 -35.35
CA GLU A 292 -8.24 27.03 -35.23
C GLU A 292 -6.87 26.90 -35.88
N TRP A 293 -6.30 25.70 -35.87
CA TRP A 293 -4.94 25.47 -36.30
C TRP A 293 -4.82 24.77 -37.64
N PHE A 294 -5.80 23.97 -38.01
CA PHE A 294 -5.69 23.12 -39.19
C PHE A 294 -7.07 22.59 -39.52
N ASP A 295 -7.48 22.74 -40.78
CA ASP A 295 -8.76 22.21 -41.23
C ASP A 295 -8.59 21.26 -42.40
N GLY A 296 -7.42 20.65 -42.55
CA GLY A 296 -7.16 19.73 -43.64
C GLY A 296 -7.43 18.29 -43.26
N ASP A 297 -6.95 17.40 -44.11
CA ASP A 297 -7.05 15.98 -43.88
C ASP A 297 -5.81 15.48 -43.16
N GLY A 298 -5.99 14.54 -42.24
CA GLY A 298 -4.89 13.81 -41.66
C GLY A 298 -4.19 14.50 -40.51
N PRO A 299 -3.04 13.96 -40.13
CA PRO A 299 -2.28 14.52 -39.00
C PRO A 299 -1.88 15.97 -39.26
N MET A 300 -1.75 16.71 -38.17
CA MET A 300 -1.46 18.14 -38.27
C MET A 300 -0.05 18.35 -38.80
N PRO A 301 0.14 19.22 -39.80
CA PRO A 301 1.48 19.47 -40.32
C PRO A 301 2.32 20.32 -39.40
N ALA A 302 3.64 20.22 -39.59
CA ALA A 302 4.58 20.89 -38.70
C ALA A 302 4.29 22.38 -38.56
N GLU A 303 3.85 23.03 -39.64
CA GLU A 303 3.62 24.47 -39.60
C GLU A 303 2.43 24.83 -38.71
N ALA A 304 1.40 23.99 -38.72
CA ALA A 304 0.26 24.23 -37.82
C ALA A 304 0.65 23.99 -36.37
N ILE A 305 1.53 23.02 -36.13
CA ILE A 305 2.03 22.80 -34.79
C ILE A 305 2.81 24.02 -34.31
N GLU A 306 3.63 24.61 -35.20
CA GLU A 306 4.37 25.80 -34.82
C GLU A 306 3.43 26.97 -34.55
N ARG A 307 2.29 27.03 -35.24
CA ARG A 307 1.36 28.12 -34.99
C ARG A 307 0.67 27.97 -33.63
N MET A 308 0.35 26.74 -33.23
CA MET A 308 -0.14 26.51 -31.87
C MET A 308 0.89 26.98 -30.84
N LYS A 309 2.15 26.56 -31.02
CA LYS A 309 3.20 26.97 -30.09
C LYS A 309 3.33 28.48 -30.04
N LYS A 310 3.38 29.12 -31.21
CA LYS A 310 3.62 30.57 -31.24
C LYS A 310 2.46 31.34 -30.62
N ASP A 311 1.22 31.04 -30.98
CA ASP A 311 0.10 31.84 -30.48
C ASP A 311 -0.17 31.60 -29.02
N LEU A 312 -0.01 30.36 -28.59
CA LEU A 312 -0.25 30.08 -27.18
C LEU A 312 0.97 30.37 -26.34
N ASP A 313 2.12 30.66 -26.98
CA ASP A 313 3.38 30.89 -26.28
C ASP A 313 3.73 29.70 -25.41
N LEU A 314 3.61 28.51 -25.97
CA LEU A 314 3.88 27.25 -25.29
C LEU A 314 4.92 26.47 -26.08
N GLY A 315 5.53 25.48 -25.44
CA GLY A 315 6.48 24.61 -26.11
C GLY A 315 5.80 23.39 -26.70
N PHE A 316 6.59 22.55 -27.37
CA PHE A 316 6.05 21.25 -27.70
C PHE A 316 5.79 20.45 -26.44
N TRP A 317 6.69 20.54 -25.46
CA TRP A 317 6.51 19.92 -24.16
C TRP A 317 6.38 21.01 -23.11
N ASN A 318 5.42 20.84 -22.22
CA ASN A 318 5.12 21.85 -21.21
C ASN A 318 5.08 21.17 -19.85
N PHE A 319 6.00 21.57 -18.97
CA PHE A 319 6.20 20.93 -17.67
C PHE A 319 5.51 21.78 -16.61
N TYR A 320 4.60 21.18 -15.85
CA TYR A 320 3.84 21.89 -14.83
C TYR A 320 4.15 21.30 -13.47
N GLY A 321 4.47 22.16 -12.51
CA GLY A 321 4.74 21.70 -11.15
C GLY A 321 4.24 22.70 -10.13
N THR A 322 4.14 22.25 -8.88
CA THR A 322 3.75 23.12 -7.78
C THR A 322 4.65 22.86 -6.59
N LEU A 323 5.03 23.95 -5.93
CA LEU A 323 5.90 23.96 -4.77
C LEU A 323 5.09 24.40 -3.56
N TYR A 324 5.46 23.88 -2.38
CA TYR A 324 4.70 24.13 -1.16
C TYR A 324 5.64 24.42 0.00
N GLY A 325 5.19 25.25 0.92
CA GLY A 325 5.88 25.41 2.17
C GLY A 325 6.11 26.88 2.47
N PRO A 326 7.00 27.16 3.42
CA PRO A 326 7.34 28.55 3.71
C PRO A 326 7.90 29.23 2.48
N PRO A 327 7.64 30.52 2.31
CA PRO A 327 8.09 31.22 1.11
C PRO A 327 9.58 31.03 0.81
N PRO A 328 10.49 31.04 1.81
CA PRO A 328 11.91 30.86 1.45
C PRO A 328 12.21 29.46 0.92
N LEU A 329 11.49 28.45 1.38
CA LEU A 329 11.71 27.10 0.87
C LEU A 329 11.25 27.00 -0.57
N ILE A 330 10.08 27.57 -0.88
CA ILE A 330 9.58 27.63 -2.25
C ILE A 330 10.61 28.30 -3.16
N GLU A 331 11.17 29.42 -2.71
CA GLU A 331 12.10 30.13 -3.59
C GLU A 331 13.39 29.34 -3.79
N MET A 332 13.84 28.61 -2.76
CA MET A 332 15.04 27.82 -2.93
C MET A 332 14.79 26.64 -3.88
N TYR A 333 13.64 25.98 -3.75
CA TYR A 333 13.34 24.86 -4.63
C TYR A 333 13.16 25.33 -6.07
N TYR A 334 12.48 26.47 -6.27
CA TYR A 334 12.27 26.95 -7.64
C TYR A 334 13.59 27.30 -8.30
N GLY A 335 14.54 27.85 -7.53
CA GLY A 335 15.85 28.11 -8.08
C GLY A 335 16.58 26.84 -8.48
N MET A 336 16.42 25.77 -7.71
CA MET A 336 17.01 24.49 -8.08
C MET A 336 16.39 23.98 -9.37
N ILE A 337 15.08 24.14 -9.50
CA ILE A 337 14.37 23.66 -10.68
C ILE A 337 14.78 24.47 -11.90
N LYS A 338 14.89 25.79 -11.75
CA LYS A 338 15.35 26.61 -12.87
C LYS A 338 16.77 26.26 -13.29
N GLU A 339 17.66 26.06 -12.32
CA GLU A 339 19.04 25.74 -12.66
C GLU A 339 19.11 24.43 -13.43
N ALA A 340 18.34 23.43 -13.01
CA ALA A 340 18.44 22.11 -13.62
C ALA A 340 17.87 22.12 -15.04
N PHE A 341 16.61 22.54 -15.18
CA PHE A 341 15.97 22.47 -16.48
C PHE A 341 16.47 23.54 -17.44
N GLY A 342 17.06 24.61 -16.91
CA GLY A 342 17.56 25.66 -17.78
C GLY A 342 18.64 25.20 -18.74
N LYS A 343 19.30 24.08 -18.43
CA LYS A 343 20.34 23.57 -19.30
C LYS A 343 19.81 23.08 -20.64
N ILE A 344 18.50 22.88 -20.77
CA ILE A 344 17.93 22.53 -22.06
C ILE A 344 17.77 23.79 -22.91
N PRO A 345 18.44 23.88 -24.05
CA PRO A 345 18.29 25.08 -24.90
C PRO A 345 16.81 25.32 -25.25
N GLY A 346 16.39 26.58 -25.12
CA GLY A 346 15.05 26.97 -25.45
C GLY A 346 14.06 26.95 -24.29
N ALA A 347 14.45 26.40 -23.14
CA ALA A 347 13.54 26.33 -22.00
C ALA A 347 13.16 27.72 -21.51
N ARG A 348 11.88 27.92 -21.21
CA ARG A 348 11.39 29.17 -20.64
C ARG A 348 10.52 28.87 -19.43
N PHE A 349 10.62 29.72 -18.41
CA PHE A 349 10.00 29.49 -17.11
C PHE A 349 8.96 30.56 -16.82
N PHE A 350 7.82 30.13 -16.24
CA PHE A 350 6.76 31.04 -15.83
C PHE A 350 6.14 30.54 -14.54
N THR A 351 5.98 31.43 -13.56
CA THR A 351 5.17 31.06 -12.41
C THR A 351 3.71 31.43 -12.68
N HIS A 352 2.84 30.98 -11.77
CA HIS A 352 1.42 31.31 -11.92
C HIS A 352 1.17 32.81 -11.78
N GLU A 353 2.16 33.56 -11.30
CA GLU A 353 1.99 35.01 -11.24
C GLU A 353 2.39 35.73 -12.52
N GLU A 354 2.91 35.01 -13.50
CA GLU A 354 3.60 35.64 -14.62
C GLU A 354 2.90 35.47 -15.95
N ARG A 355 1.71 34.85 -15.99
CA ARG A 355 0.99 34.66 -17.24
C ARG A 355 -0.50 34.82 -17.02
N ASP A 356 -1.12 35.74 -17.76
CA ASP A 356 -2.56 35.90 -17.74
C ASP A 356 -3.14 35.80 -19.15
N ASP A 357 -2.50 35.04 -20.02
CA ASP A 357 -2.93 34.87 -21.40
C ASP A 357 -3.63 33.51 -21.57
N ARG A 358 -4.17 33.32 -22.77
CA ARG A 358 -4.88 32.07 -23.05
C ARG A 358 -3.96 30.87 -22.91
N GLY A 359 -2.72 31.00 -23.39
CA GLY A 359 -1.77 29.89 -23.26
C GLY A 359 -1.48 29.53 -21.82
N GLY A 360 -1.62 30.48 -20.91
CA GLY A 360 -1.43 30.22 -19.50
C GLY A 360 -2.64 29.66 -18.78
N HIS A 361 -3.74 29.41 -19.48
CA HIS A 361 -4.93 28.90 -18.83
C HIS A 361 -4.65 27.55 -18.14
N VAL A 362 -3.88 26.68 -18.80
CA VAL A 362 -3.61 25.38 -18.20
C VAL A 362 -2.78 25.53 -16.93
N LEU A 363 -1.76 26.39 -16.96
CA LEU A 363 -1.01 26.69 -15.73
C LEU A 363 -1.94 27.11 -14.60
N GLN A 364 -2.90 28.00 -14.88
CA GLN A 364 -3.78 28.46 -13.81
C GLN A 364 -4.67 27.34 -13.31
N ASP A 365 -5.08 26.43 -14.20
CA ASP A 365 -5.86 25.27 -13.78
C ASP A 365 -5.01 24.32 -12.95
N ARG A 366 -3.75 24.13 -13.30
CA ARG A 366 -2.89 23.27 -12.50
C ARG A 366 -2.68 23.88 -11.12
N HIS A 367 -2.63 25.20 -11.05
CA HIS A 367 -2.44 25.84 -9.75
C HIS A 367 -3.63 25.61 -8.83
N LYS A 368 -4.82 25.40 -9.41
CA LYS A 368 -5.99 25.00 -8.61
C LYS A 368 -5.89 23.53 -8.24
N ILE A 369 -5.75 22.66 -9.25
CA ILE A 369 -5.76 21.21 -9.04
C ILE A 369 -4.67 20.80 -8.05
N ASN A 370 -3.46 21.33 -8.23
CA ASN A 370 -2.33 20.98 -7.40
C ASN A 370 -2.44 21.54 -6.00
N ASN A 371 -3.41 22.42 -5.77
CA ASN A 371 -3.69 22.90 -4.42
C ASN A 371 -5.02 22.37 -3.89
N GLY A 372 -5.51 21.26 -4.46
CA GLY A 372 -6.72 20.66 -3.95
C GLY A 372 -7.97 21.45 -4.24
N ILE A 373 -7.95 22.28 -5.28
CA ILE A 373 -9.14 23.02 -5.69
C ILE A 373 -9.70 22.38 -6.94
N PRO A 374 -10.83 21.68 -6.86
CA PRO A 374 -11.29 20.93 -8.03
C PRO A 374 -11.84 21.85 -9.12
N SER A 375 -11.82 21.33 -10.33
CA SER A 375 -12.05 22.09 -11.55
C SER A 375 -12.74 21.20 -12.56
N LEU A 376 -13.47 21.82 -13.50
CA LEU A 376 -13.91 21.11 -14.69
C LEU A 376 -13.37 21.75 -15.97
N ASP A 377 -12.36 22.61 -15.85
CA ASP A 377 -11.83 23.31 -17.01
C ASP A 377 -11.33 22.35 -18.09
N GLU A 378 -10.77 21.20 -17.68
CA GLU A 378 -10.20 20.28 -18.67
C GLU A 378 -11.26 19.63 -19.54
N LEU A 379 -12.54 19.72 -19.16
CA LEU A 379 -13.59 19.24 -20.05
C LEU A 379 -13.55 19.96 -21.39
N GLN A 380 -12.95 21.15 -21.46
CA GLN A 380 -12.83 21.83 -22.75
C GLN A 380 -12.00 21.05 -23.75
N GLN A 381 -11.17 20.11 -23.28
CA GLN A 381 -10.42 19.29 -24.23
C GLN A 381 -11.34 18.54 -25.18
N LEU A 382 -12.58 18.25 -24.77
CA LEU A 382 -13.47 17.47 -25.60
C LEU A 382 -14.13 18.30 -26.69
N ASP A 383 -13.94 19.61 -26.68
CA ASP A 383 -14.39 20.48 -27.77
C ASP A 383 -13.38 20.58 -28.89
N TRP A 384 -12.28 19.82 -28.80
CA TRP A 384 -11.24 19.86 -29.83
C TRP A 384 -11.81 19.50 -31.19
N VAL A 385 -12.68 18.50 -31.25
CA VAL A 385 -13.39 18.14 -32.47
C VAL A 385 -14.85 17.93 -32.13
N PRO A 386 -15.73 17.94 -33.14
CA PRO A 386 -17.17 17.75 -32.84
C PRO A 386 -17.42 16.44 -32.13
N ASN A 387 -18.40 16.48 -31.21
CA ASN A 387 -18.83 15.28 -30.46
C ASN A 387 -17.64 14.61 -29.79
N GLY A 388 -16.73 15.42 -29.28
CA GLY A 388 -15.47 14.90 -28.79
C GLY A 388 -15.60 13.93 -27.64
N GLY A 389 -14.83 12.84 -27.73
CA GLY A 389 -14.61 11.97 -26.60
C GLY A 389 -13.15 11.58 -26.55
N HIS A 390 -12.75 10.91 -25.47
CA HIS A 390 -11.39 10.45 -25.39
C HIS A 390 -11.37 9.02 -24.85
N ILE A 391 -10.27 8.35 -25.12
CA ILE A 391 -9.94 7.09 -24.48
C ILE A 391 -8.57 7.25 -23.86
N GLY A 392 -8.38 6.65 -22.69
CA GLY A 392 -7.10 6.72 -22.02
C GLY A 392 -6.25 5.49 -22.27
N PHE A 393 -5.14 5.68 -22.97
CA PHE A 393 -4.14 4.63 -23.17
C PHE A 393 -2.95 5.03 -22.32
N VAL A 394 -2.71 4.32 -21.22
CA VAL A 394 -1.77 4.83 -20.23
C VAL A 394 -0.71 3.81 -19.87
N PRO A 395 0.30 3.62 -20.71
CA PRO A 395 1.42 2.77 -20.32
C PRO A 395 2.23 3.38 -19.19
N VAL A 396 2.78 2.50 -18.38
CA VAL A 396 3.76 2.91 -17.37
C VAL A 396 5.13 3.05 -18.02
N SER A 397 5.87 4.10 -17.65
CA SER A 397 7.23 4.32 -18.14
C SER A 397 8.18 4.45 -16.96
N ALA A 398 9.36 3.85 -17.07
CA ALA A 398 10.43 4.23 -16.17
C ALA A 398 10.68 5.73 -16.31
N PRO A 399 11.17 6.38 -15.27
CA PRO A 399 11.47 7.81 -15.40
C PRO A 399 12.83 7.98 -16.07
N ASP A 400 12.84 7.60 -17.35
CA ASP A 400 14.04 7.56 -18.16
C ASP A 400 13.71 8.20 -19.51
N GLY A 401 14.59 9.10 -19.96
CA GLY A 401 14.28 9.86 -21.16
C GLY A 401 14.25 9.01 -22.41
N ARG A 402 15.18 8.05 -22.55
CA ARG A 402 15.18 7.20 -23.73
C ARG A 402 13.92 6.35 -23.78
N GLU A 403 13.48 5.81 -22.64
CA GLU A 403 12.24 5.05 -22.61
C GLU A 403 11.04 5.94 -22.91
N ALA A 404 11.00 7.14 -22.35
CA ALA A 404 9.89 8.04 -22.66
C ALA A 404 9.84 8.34 -24.15
N MET A 405 11.00 8.57 -24.75
CA MET A 405 11.04 8.88 -26.17
C MET A 405 10.63 7.67 -27.01
N LYS A 406 11.08 6.48 -26.62
CA LYS A 406 10.66 5.27 -27.33
C LYS A 406 9.14 5.15 -27.31
N GLN A 407 8.53 5.36 -26.13
CA GLN A 407 7.08 5.27 -26.05
C GLN A 407 6.40 6.35 -26.85
N PHE A 408 6.90 7.59 -26.77
CA PHE A 408 6.38 8.69 -27.56
C PHE A 408 6.40 8.35 -29.06
N GLU A 409 7.56 7.89 -29.54
CA GLU A 409 7.68 7.62 -30.97
C GLU A 409 6.79 6.46 -31.39
N MET A 410 6.70 5.42 -30.54
CA MET A 410 5.84 4.28 -30.82
C MET A 410 4.37 4.70 -30.92
N VAL A 411 3.92 5.52 -29.97
CA VAL A 411 2.52 5.92 -29.96
C VAL A 411 2.26 6.91 -31.09
N ARG A 412 3.16 7.88 -31.29
CA ARG A 412 2.96 8.85 -32.36
C ARG A 412 2.86 8.14 -33.71
N ASN A 413 3.69 7.11 -33.93
CA ASN A 413 3.66 6.38 -35.19
C ASN A 413 2.29 5.77 -35.45
N ARG A 414 1.66 5.18 -34.42
CA ARG A 414 0.35 4.57 -34.63
C ARG A 414 -0.75 5.61 -34.66
N ALA A 415 -0.63 6.69 -33.88
CA ALA A 415 -1.61 7.76 -33.95
C ALA A 415 -1.68 8.32 -35.37
N ASN A 416 -0.52 8.57 -35.96
CA ASN A 416 -0.51 9.07 -37.34
C ASN A 416 -1.13 8.05 -38.29
N GLU A 417 -0.75 6.78 -38.15
CA GLU A 417 -1.27 5.73 -39.02
C GLU A 417 -2.79 5.67 -38.97
N TYR A 418 -3.38 5.83 -37.79
CA TYR A 418 -4.83 5.76 -37.62
C TYR A 418 -5.50 7.11 -37.58
N ASN A 419 -4.77 8.18 -37.91
CA ASN A 419 -5.32 9.54 -37.99
C ASN A 419 -6.01 9.97 -36.70
N LYS A 420 -5.31 9.84 -35.59
CA LYS A 420 -5.81 10.29 -34.31
C LYS A 420 -4.76 11.23 -33.73
N ASP A 421 -5.19 12.40 -33.26
CA ASP A 421 -4.24 13.27 -32.60
C ASP A 421 -3.78 12.64 -31.28
N TYR A 422 -2.52 12.80 -30.99
CA TYR A 422 -1.90 12.19 -29.83
C TYR A 422 -1.67 13.30 -28.80
N MET A 423 -2.60 13.40 -27.85
CA MET A 423 -2.45 14.26 -26.69
C MET A 423 -1.71 13.45 -25.63
N ALA A 424 -0.59 13.98 -25.14
CA ALA A 424 0.29 13.25 -24.24
C ALA A 424 0.45 13.99 -22.92
N SER A 425 0.41 13.26 -21.81
CA SER A 425 0.76 13.83 -20.51
C SER A 425 1.50 12.79 -19.69
N PHE A 426 2.79 13.01 -19.46
CA PHE A 426 3.53 12.17 -18.50
C PHE A 426 3.22 12.65 -17.09
N VAL A 427 2.57 11.79 -16.29
CA VAL A 427 2.22 12.09 -14.91
C VAL A 427 3.26 11.39 -14.04
N ILE A 428 4.06 12.15 -13.27
CA ILE A 428 5.35 11.66 -12.81
C ILE A 428 5.32 11.35 -11.31
N GLY A 429 5.46 10.06 -10.96
CA GLY A 429 5.63 9.66 -9.57
C GLY A 429 7.09 9.74 -9.14
N LEU A 430 7.41 9.00 -8.08
CA LEU A 430 8.78 9.03 -7.56
C LEU A 430 9.75 8.24 -8.44
N ARG A 431 9.32 7.06 -8.91
CA ARG A 431 10.18 6.12 -9.61
C ARG A 431 9.53 5.63 -10.89
N GLU A 432 8.46 6.28 -11.33
CA GLU A 432 7.69 5.77 -12.45
C GLU A 432 6.92 6.95 -13.03
N MET A 433 6.48 6.80 -14.27
CA MET A 433 5.61 7.79 -14.90
C MET A 433 4.42 7.08 -15.51
N TYR A 434 3.26 7.72 -15.40
CA TYR A 434 2.08 7.34 -16.16
C TYR A 434 2.11 8.12 -17.46
N HIS A 435 2.35 7.43 -18.58
CA HIS A 435 2.37 8.06 -19.90
C HIS A 435 0.94 8.12 -20.44
N VAL A 436 0.24 9.20 -20.10
CA VAL A 436 -1.16 9.31 -20.46
C VAL A 436 -1.22 9.71 -21.93
N CYS A 437 -1.74 8.80 -22.76
CA CYS A 437 -2.08 9.14 -24.14
C CYS A 437 -3.60 9.23 -24.23
N LEU A 438 -4.08 10.46 -24.35
CA LEU A 438 -5.49 10.73 -24.55
C LEU A 438 -5.72 10.91 -26.04
N PHE A 439 -6.52 10.03 -26.63
CA PHE A 439 -6.87 10.13 -28.03
C PHE A 439 -8.26 10.70 -28.11
N ILE A 440 -8.37 11.92 -28.66
CA ILE A 440 -9.63 12.63 -28.76
C ILE A 440 -10.18 12.44 -30.16
N TYR A 441 -11.46 12.11 -30.26
CA TYR A 441 -12.04 11.73 -31.53
C TYR A 441 -13.52 12.08 -31.55
N ASP A 442 -14.08 12.09 -32.76
CA ASP A 442 -15.49 12.38 -32.94
C ASP A 442 -16.30 11.11 -32.66
N THR A 443 -17.02 11.11 -31.53
CA THR A 443 -17.73 9.91 -31.09
C THR A 443 -18.91 9.54 -31.99
N ALA A 444 -19.38 10.47 -32.83
CA ALA A 444 -20.47 10.17 -33.75
C ALA A 444 -20.01 9.46 -35.01
N ASP A 445 -18.70 9.40 -35.26
CA ASP A 445 -18.14 8.84 -36.48
C ASP A 445 -17.82 7.38 -36.22
N PRO A 446 -18.57 6.42 -36.74
CA PRO A 446 -18.29 5.02 -36.42
C PRO A 446 -16.93 4.56 -36.90
N GLU A 447 -16.42 5.12 -38.00
CA GLU A 447 -15.09 4.70 -38.44
C GLU A 447 -14.04 5.20 -37.48
N ALA A 448 -14.19 6.43 -36.99
CA ALA A 448 -13.27 6.95 -35.97
C ALA A 448 -13.31 6.09 -34.73
N ARG A 449 -14.52 5.71 -34.28
CA ARG A 449 -14.65 4.84 -33.12
C ARG A 449 -13.93 3.52 -33.34
N GLU A 450 -14.08 2.96 -34.55
CA GLU A 450 -13.43 1.68 -34.82
C GLU A 450 -11.92 1.86 -34.95
N GLU A 451 -11.48 2.97 -35.53
CA GLU A 451 -10.05 3.25 -35.60
C GLU A 451 -9.44 3.36 -34.21
N ILE A 452 -10.16 4.01 -33.30
CA ILE A 452 -9.70 4.12 -31.91
C ILE A 452 -9.54 2.74 -31.30
N LEU A 453 -10.55 1.87 -31.51
CA LEU A 453 -10.48 0.52 -30.96
C LEU A 453 -9.29 -0.25 -31.55
N GLN A 454 -9.15 -0.23 -32.88
CA GLN A 454 -8.10 -1.03 -33.50
C GLN A 454 -6.72 -0.46 -33.20
N MET A 455 -6.61 0.87 -33.18
CA MET A 455 -5.33 1.51 -32.86
C MET A 455 -4.89 1.15 -31.45
N THR A 456 -5.80 1.26 -30.48
CA THR A 456 -5.38 0.98 -29.12
C THR A 456 -5.13 -0.50 -28.90
N LYS A 457 -5.88 -1.38 -29.58
CA LYS A 457 -5.54 -2.80 -29.48
C LYS A 457 -4.14 -3.06 -30.01
N VAL A 458 -3.76 -2.39 -31.09
CA VAL A 458 -2.42 -2.54 -31.63
C VAL A 458 -1.39 -2.01 -30.62
N LEU A 459 -1.68 -0.85 -30.04
CA LEU A 459 -0.74 -0.24 -29.11
C LEU A 459 -0.57 -1.08 -27.84
N VAL A 460 -1.65 -1.68 -27.34
CA VAL A 460 -1.51 -2.56 -26.18
C VAL A 460 -0.51 -3.67 -26.48
N ARG A 461 -0.67 -4.31 -27.65
CA ARG A 461 0.20 -5.42 -28.02
C ARG A 461 1.62 -4.94 -28.30
N GLU A 462 1.74 -3.84 -29.06
CA GLU A 462 3.05 -3.32 -29.41
C GLU A 462 3.81 -2.85 -28.18
N ALA A 463 3.12 -2.17 -27.27
CA ALA A 463 3.76 -1.74 -26.03
C ALA A 463 4.23 -2.94 -25.22
N ALA A 464 3.41 -3.99 -25.15
CA ALA A 464 3.79 -5.16 -24.38
C ALA A 464 4.98 -5.87 -25.00
N GLU A 465 5.05 -5.88 -26.34
CA GLU A 465 6.19 -6.48 -27.01
C GLU A 465 7.48 -5.74 -26.66
N ALA A 466 7.39 -4.47 -26.31
CA ALA A 466 8.54 -3.70 -25.87
C ALA A 466 8.71 -3.69 -24.36
N GLY A 467 7.89 -4.44 -23.61
CA GLY A 467 8.07 -4.51 -22.19
C GLY A 467 7.27 -3.50 -21.40
N TYR A 468 6.24 -2.91 -21.98
CA TYR A 468 5.41 -1.91 -21.30
C TYR A 468 4.00 -2.42 -21.07
N GLY A 469 3.44 -2.11 -19.90
CA GLY A 469 2.06 -2.41 -19.60
C GLY A 469 1.32 -1.16 -19.16
N GLU A 470 -0.01 -1.24 -19.19
CA GLU A 470 -0.86 -0.12 -18.82
C GLU A 470 -1.35 -0.25 -17.38
N TYR A 471 -1.51 0.91 -16.72
CA TYR A 471 -1.89 0.89 -15.31
C TYR A 471 -3.39 0.80 -15.10
N ARG A 472 -4.16 1.08 -16.14
CA ARG A 472 -5.59 1.24 -16.06
C ARG A 472 -6.07 1.24 -17.50
N THR A 473 -7.29 0.76 -17.74
CA THR A 473 -7.70 0.76 -19.14
C THR A 473 -9.21 0.76 -19.28
N HIS A 474 -9.64 0.93 -20.53
CA HIS A 474 -11.03 0.97 -20.92
C HIS A 474 -11.61 -0.44 -20.99
N ASN A 475 -12.91 -0.54 -20.71
CA ASN A 475 -13.68 -1.77 -20.89
C ASN A 475 -13.25 -2.56 -22.12
N ALA A 476 -13.16 -1.87 -23.27
CA ALA A 476 -12.90 -2.53 -24.54
C ALA A 476 -11.52 -3.16 -24.61
N LEU A 477 -10.60 -2.78 -23.72
CA LEU A 477 -9.23 -3.27 -23.75
C LEU A 477 -8.87 -4.11 -22.55
N MET A 478 -9.81 -4.35 -21.61
CA MET A 478 -9.45 -5.01 -20.37
C MET A 478 -8.93 -6.42 -20.60
N ASP A 479 -9.56 -7.17 -21.51
CA ASP A 479 -9.04 -8.51 -21.80
C ASP A 479 -7.66 -8.45 -22.42
N ASP A 480 -7.46 -7.54 -23.39
CA ASP A 480 -6.16 -7.42 -24.05
C ASP A 480 -5.08 -6.99 -23.08
N VAL A 481 -5.41 -6.10 -22.15
CA VAL A 481 -4.39 -5.62 -21.21
C VAL A 481 -4.04 -6.71 -20.21
N MET A 482 -5.04 -7.38 -19.64
CA MET A 482 -4.70 -8.44 -18.69
C MET A 482 -3.91 -9.55 -19.39
N ALA A 483 -4.18 -9.77 -20.68
CA ALA A 483 -3.46 -10.79 -21.43
C ALA A 483 -1.98 -10.48 -21.57
N THR A 484 -1.57 -9.20 -21.44
CA THR A 484 -0.15 -8.88 -21.51
C THR A 484 0.56 -9.18 -20.20
N PHE A 485 -0.16 -9.29 -19.09
CA PHE A 485 0.47 -9.56 -17.80
C PHE A 485 0.56 -11.05 -17.53
N ASN A 486 1.15 -11.78 -18.49
CA ASN A 486 0.99 -13.22 -18.54
C ASN A 486 2.29 -13.97 -18.22
N TRP A 487 3.17 -13.37 -17.44
CA TRP A 487 4.35 -14.10 -16.96
C TRP A 487 3.96 -15.44 -16.35
N GLY A 488 4.78 -16.46 -16.57
CA GLY A 488 4.49 -17.74 -15.97
C GLY A 488 3.22 -18.39 -16.49
N ASP A 489 2.97 -18.25 -17.80
CA ASP A 489 1.80 -18.84 -18.45
C ASP A 489 0.49 -18.34 -17.85
N GLY A 490 0.42 -17.02 -17.63
CA GLY A 490 -0.82 -16.43 -17.14
C GLY A 490 -1.05 -16.66 -15.67
N ALA A 491 0.02 -16.70 -14.86
CA ALA A 491 -0.12 -17.03 -13.44
C ALA A 491 -0.95 -15.99 -12.69
N LEU A 492 -0.76 -14.71 -12.98
CA LEU A 492 -1.47 -13.67 -12.25
C LEU A 492 -2.99 -13.78 -12.46
N LEU A 493 -3.41 -13.92 -13.72
CA LEU A 493 -4.85 -14.01 -13.99
C LEU A 493 -5.43 -15.28 -13.38
N LYS A 494 -4.70 -16.40 -13.43
CA LYS A 494 -5.21 -17.62 -12.83
C LYS A 494 -5.42 -17.44 -11.32
N PHE A 495 -4.51 -16.70 -10.68
CA PHE A 495 -4.65 -16.41 -9.25
C PHE A 495 -5.89 -15.57 -8.98
N HIS A 496 -6.08 -14.50 -9.78
CA HIS A 496 -7.27 -13.67 -9.62
C HIS A 496 -8.54 -14.46 -9.87
N GLU A 497 -8.50 -15.39 -10.83
CA GLU A 497 -9.70 -16.16 -11.15
C GLU A 497 -10.06 -17.09 -10.01
N LYS A 498 -9.04 -17.69 -9.37
CA LYS A 498 -9.29 -18.55 -8.22
C LYS A 498 -9.95 -17.79 -7.10
N ILE A 499 -9.44 -16.59 -6.81
CA ILE A 499 -10.03 -15.78 -5.74
C ILE A 499 -11.44 -15.35 -6.15
N LYS A 500 -11.61 -14.97 -7.42
CA LYS A 500 -12.91 -14.53 -7.91
C LYS A 500 -13.94 -15.64 -7.73
N ASP A 501 -13.60 -16.86 -8.15
CA ASP A 501 -14.59 -17.92 -8.06
C ASP A 501 -14.87 -18.31 -6.62
N ALA A 502 -13.89 -18.13 -5.71
CA ALA A 502 -14.10 -18.49 -4.32
C ALA A 502 -15.06 -17.52 -3.63
N LEU A 503 -14.88 -16.23 -3.89
CA LEU A 503 -15.70 -15.22 -3.24
C LEU A 503 -17.01 -14.97 -3.97
N ASP A 504 -17.08 -15.32 -5.26
CA ASP A 504 -18.20 -15.02 -6.14
C ASP A 504 -18.58 -16.28 -6.91
N PRO A 505 -19.05 -17.31 -6.20
CA PRO A 505 -19.33 -18.60 -6.87
C PRO A 505 -20.44 -18.52 -7.90
N ASN A 506 -21.35 -17.57 -7.78
CA ASN A 506 -22.40 -17.43 -8.78
C ASN A 506 -22.03 -16.45 -9.89
N GLY A 507 -20.86 -15.84 -9.81
CA GLY A 507 -20.34 -15.00 -10.88
C GLY A 507 -21.21 -13.79 -11.11
N ILE A 508 -21.36 -12.98 -10.07
CA ILE A 508 -22.30 -11.87 -10.08
C ILE A 508 -21.61 -10.52 -10.29
N ILE A 509 -20.49 -10.25 -9.62
CA ILE A 509 -19.97 -8.88 -9.57
C ILE A 509 -19.08 -8.59 -10.79
N ALA A 510 -19.43 -7.53 -11.52
CA ALA A 510 -18.71 -6.92 -12.65
C ALA A 510 -17.88 -7.96 -13.41
N PRO A 511 -18.50 -8.96 -14.01
CA PRO A 511 -17.72 -9.96 -14.72
C PRO A 511 -16.90 -9.32 -15.82
N GLY A 512 -15.62 -9.67 -15.88
CA GLY A 512 -14.75 -9.14 -16.91
C GLY A 512 -13.97 -7.89 -16.55
N LYS A 513 -14.31 -7.23 -15.45
CA LYS A 513 -13.47 -6.16 -14.93
C LYS A 513 -12.02 -6.63 -14.81
N SER A 514 -11.11 -5.84 -15.40
CA SER A 514 -9.68 -6.13 -15.39
C SER A 514 -9.37 -7.48 -16.06
N GLY A 515 -10.25 -7.92 -16.95
CA GLY A 515 -10.06 -9.19 -17.61
C GLY A 515 -10.34 -10.40 -16.76
N ILE A 516 -10.98 -10.21 -15.60
CA ILE A 516 -11.19 -11.27 -14.63
C ILE A 516 -12.64 -11.73 -14.75
N TRP A 517 -12.82 -12.89 -15.34
CA TRP A 517 -14.15 -13.43 -15.53
C TRP A 517 -14.42 -14.59 -14.59
N PRO A 518 -15.60 -14.65 -13.98
CA PRO A 518 -15.95 -15.82 -13.17
C PRO A 518 -16.18 -17.01 -14.08
N GLN A 519 -16.12 -18.20 -13.48
CA GLN A 519 -16.17 -19.45 -14.23
C GLN A 519 -17.28 -19.49 -15.28
N ARG A 520 -18.49 -19.04 -14.94
CA ARG A 520 -19.62 -19.27 -15.85
C ARG A 520 -19.51 -18.47 -17.15
N PHE A 521 -18.65 -17.45 -17.21
CA PHE A 521 -18.51 -16.66 -18.41
C PHE A 521 -17.21 -16.92 -19.16
N ARG A 522 -16.29 -17.68 -18.57
CA ARG A 522 -14.95 -17.78 -19.13
C ARG A 522 -14.98 -18.50 -20.47
N GLY A 523 -14.28 -17.92 -21.46
CA GLY A 523 -14.23 -18.50 -22.78
C GLY A 523 -15.39 -18.16 -23.68
N GLN A 524 -16.39 -17.44 -23.17
CA GLN A 524 -17.59 -17.16 -23.96
C GLN A 524 -17.45 -15.95 -24.85
N ASN A 525 -16.32 -15.25 -24.82
CA ASN A 525 -16.15 -14.10 -25.68
C ASN A 525 -17.32 -13.16 -25.45
N LEU A 526 -17.65 -13.02 -24.15
CA LEU A 526 -18.65 -12.12 -23.57
C LEU A 526 -19.85 -12.93 -23.06
N THR B 2 9.43 -38.42 22.23
CA THR B 2 8.76 -38.84 21.00
C THR B 2 9.18 -37.98 19.82
N ARG B 3 9.09 -38.57 18.64
CA ARG B 3 9.42 -37.87 17.41
C ARG B 3 8.29 -36.92 17.02
N THR B 4 8.64 -35.67 16.73
CA THR B 4 7.66 -34.70 16.26
C THR B 4 7.25 -35.03 14.83
N LEU B 5 5.96 -35.25 14.61
CA LEU B 5 5.44 -35.65 13.31
C LEU B 5 4.36 -34.67 12.86
N PRO B 6 4.21 -34.46 11.55
CA PRO B 6 3.08 -33.67 11.08
C PRO B 6 1.77 -34.33 11.46
N PRO B 7 0.74 -33.55 11.74
CA PRO B 7 -0.57 -34.12 12.13
C PRO B 7 -1.06 -35.15 11.13
N GLY B 8 -1.45 -36.32 11.64
CA GLY B 8 -2.03 -37.33 10.79
C GLY B 8 -1.09 -38.02 9.83
N VAL B 9 0.22 -37.77 9.96
CA VAL B 9 1.23 -38.31 9.06
C VAL B 9 2.05 -39.32 9.85
N SER B 10 2.10 -40.55 9.36
CA SER B 10 2.80 -41.62 10.07
C SER B 10 4.31 -41.44 9.99
N ASP B 11 5.01 -42.14 10.89
CA ASP B 11 6.47 -42.22 10.81
C ASP B 11 6.93 -42.65 9.44
N GLU B 12 6.25 -43.63 8.85
CA GLU B 12 6.62 -44.15 7.53
C GLU B 12 6.42 -43.10 6.46
N ARG B 13 5.24 -42.47 6.46
CA ARG B 13 4.93 -41.44 5.47
C ARG B 13 5.89 -40.25 5.59
N PHE B 14 6.24 -39.87 6.82
CA PHE B 14 7.13 -38.73 7.01
C PHE B 14 8.56 -39.05 6.58
N ASP B 15 9.05 -40.25 6.91
CA ASP B 15 10.34 -40.70 6.40
C ASP B 15 10.37 -40.64 4.88
N ALA B 16 9.28 -41.05 4.24
CA ALA B 16 9.23 -41.01 2.78
C ALA B 16 9.27 -39.58 2.27
N ALA B 17 8.51 -38.69 2.90
CA ALA B 17 8.51 -37.29 2.49
C ALA B 17 9.90 -36.68 2.69
N LEU B 18 10.53 -36.95 3.82
CA LEU B 18 11.87 -36.43 4.07
C LEU B 18 12.83 -36.80 2.95
N GLN B 19 12.72 -38.04 2.44
CA GLN B 19 13.61 -38.47 1.38
C GLN B 19 13.30 -37.76 0.07
N ARG B 20 12.02 -37.54 -0.24
CA ARG B 20 11.67 -36.78 -1.43
C ARG B 20 12.21 -35.35 -1.33
N PHE B 21 12.14 -34.76 -0.13
CA PHE B 21 12.75 -33.44 0.08
C PHE B 21 14.25 -33.48 -0.18
N ARG B 22 14.92 -34.52 0.34
CA ARG B 22 16.37 -34.65 0.12
C ARG B 22 16.67 -34.75 -1.37
N ASP B 23 15.82 -35.44 -2.13
CA ASP B 23 16.00 -35.52 -3.57
C ASP B 23 15.96 -34.14 -4.21
N VAL B 24 15.19 -33.23 -3.64
CA VAL B 24 15.05 -31.90 -4.22
C VAL B 24 16.21 -31.01 -3.82
N VAL B 25 16.54 -30.97 -2.53
CA VAL B 25 17.48 -29.97 -2.01
C VAL B 25 18.84 -30.53 -1.64
N GLY B 26 19.01 -31.85 -1.58
CA GLY B 26 20.26 -32.42 -1.11
C GLY B 26 20.21 -32.90 0.34
N ASP B 27 20.89 -34.00 0.66
CA ASP B 27 20.75 -34.53 2.02
C ASP B 27 21.27 -33.58 3.09
N LYS B 28 22.26 -32.74 2.76
CA LYS B 28 22.81 -31.78 3.72
C LYS B 28 21.76 -30.75 4.17
N TRP B 29 20.72 -30.56 3.38
CA TRP B 29 19.83 -29.42 3.54
C TRP B 29 18.46 -29.82 4.04
N VAL B 30 18.33 -31.03 4.57
CA VAL B 30 17.15 -31.48 5.30
C VAL B 30 17.59 -31.87 6.70
N LEU B 31 17.01 -31.23 7.71
CA LEU B 31 17.29 -31.52 9.10
C LEU B 31 16.06 -32.16 9.72
N SER B 32 16.29 -33.18 10.55
CA SER B 32 15.16 -33.89 11.16
C SER B 32 15.47 -34.56 12.48
N THR B 33 16.67 -34.39 13.05
CA THR B 33 16.98 -34.94 14.36
C THR B 33 16.72 -33.90 15.45
N ALA B 34 16.43 -34.39 16.65
CA ALA B 34 16.12 -33.51 17.77
C ALA B 34 17.24 -32.50 18.03
N ASP B 35 18.50 -32.96 17.96
CA ASP B 35 19.62 -32.05 18.19
C ASP B 35 19.68 -30.96 17.13
N GLU B 36 19.46 -31.34 15.87
CA GLU B 36 19.48 -30.35 14.79
C GLU B 36 18.32 -29.38 14.89
N LEU B 37 17.18 -29.82 15.43
CA LEU B 37 15.97 -29.01 15.43
C LEU B 37 15.88 -28.07 16.63
N GLU B 38 16.65 -28.32 17.70
CA GLU B 38 16.64 -27.43 18.86
C GLU B 38 16.88 -25.99 18.45
N ALA B 39 17.78 -25.78 17.50
CA ALA B 39 18.09 -24.44 17.02
C ALA B 39 16.89 -23.73 16.40
N PHE B 40 15.84 -24.48 16.05
CA PHE B 40 14.70 -23.93 15.34
C PHE B 40 13.45 -23.85 16.20
N ARG B 41 13.52 -24.26 17.45
CA ARG B 41 12.44 -23.97 18.35
C ARG B 41 12.47 -22.48 18.71
N ASP B 42 11.35 -21.98 19.22
CA ASP B 42 11.24 -20.60 19.65
C ASP B 42 12.34 -20.28 20.68
N PRO B 43 13.20 -19.30 20.41
CA PRO B 43 14.24 -18.97 21.40
C PRO B 43 13.69 -18.29 22.64
N TYR B 44 12.50 -17.69 22.56
CA TYR B 44 11.84 -17.07 23.69
C TYR B 44 10.51 -17.78 23.91
N PRO B 45 10.54 -19.00 24.46
CA PRO B 45 9.31 -19.80 24.58
C PRO B 45 8.28 -19.14 25.48
N VAL B 46 7.02 -19.32 25.11
CA VAL B 46 5.87 -18.76 25.81
C VAL B 46 5.00 -19.94 26.24
N GLY B 47 4.52 -19.90 27.48
CA GLY B 47 3.79 -21.03 28.04
C GLY B 47 4.68 -22.07 28.70
N ALA B 48 4.16 -22.73 29.73
CA ALA B 48 4.94 -23.77 30.40
C ALA B 48 5.17 -24.96 29.47
N ALA B 49 4.13 -25.38 28.75
CA ALA B 49 4.18 -26.59 27.97
C ALA B 49 4.83 -26.38 26.61
N GLU B 50 5.52 -27.42 26.14
CA GLU B 50 5.99 -27.51 24.76
C GLU B 50 4.94 -26.98 23.78
N ALA B 51 5.42 -26.31 22.75
CA ALA B 51 4.54 -25.85 21.69
C ALA B 51 5.39 -25.45 20.50
N ASN B 52 4.74 -25.35 19.33
CA ASN B 52 5.36 -24.83 18.12
C ASN B 52 6.58 -25.65 17.71
N LEU B 53 6.44 -26.97 17.73
CA LEU B 53 7.56 -27.88 17.49
C LEU B 53 7.71 -28.15 16.00
N PRO B 54 8.86 -27.84 15.39
CA PRO B 54 9.08 -28.20 13.99
C PRO B 54 9.38 -29.68 13.84
N SER B 55 8.90 -30.26 12.74
CA SER B 55 9.21 -31.66 12.47
C SER B 55 10.46 -31.82 11.61
N ALA B 56 10.85 -30.79 10.87
CA ALA B 56 12.04 -30.84 10.03
C ALA B 56 12.32 -29.42 9.53
N VAL B 57 13.48 -29.26 8.89
CA VAL B 57 13.85 -28.01 8.25
C VAL B 57 14.37 -28.35 6.86
N VAL B 58 13.81 -27.70 5.84
CA VAL B 58 14.23 -27.89 4.46
C VAL B 58 14.77 -26.57 3.94
N SER B 59 15.95 -26.61 3.32
CA SER B 59 16.66 -25.39 2.93
C SER B 59 16.85 -25.38 1.42
N PRO B 60 15.91 -24.80 0.67
CA PRO B 60 16.01 -24.81 -0.79
C PRO B 60 17.00 -23.77 -1.33
N GLU B 61 17.45 -24.06 -2.55
CA GLU B 61 18.47 -23.29 -3.25
C GLU B 61 17.88 -22.37 -4.31
N SER B 62 16.63 -22.61 -4.71
CA SER B 62 16.06 -21.95 -5.86
C SER B 62 14.55 -21.98 -5.75
N THR B 63 13.92 -21.07 -6.49
CA THR B 63 12.46 -21.07 -6.63
C THR B 63 11.94 -22.41 -7.14
N GLU B 64 12.65 -22.99 -8.10
CA GLU B 64 12.22 -24.28 -8.63
C GLU B 64 12.19 -25.34 -7.54
N GLN B 65 13.16 -25.31 -6.62
CA GLN B 65 13.14 -26.27 -5.52
C GLN B 65 12.01 -25.98 -4.55
N VAL B 66 11.70 -24.71 -4.30
CA VAL B 66 10.55 -24.38 -3.47
C VAL B 66 9.29 -24.99 -4.06
N GLN B 67 9.10 -24.83 -5.37
CA GLN B 67 7.92 -25.39 -6.01
C GLN B 67 7.84 -26.89 -5.82
N ASP B 68 8.98 -27.59 -5.94
CA ASP B 68 8.96 -29.04 -5.77
C ASP B 68 8.68 -29.43 -4.33
N ILE B 69 9.23 -28.68 -3.37
CA ILE B 69 8.93 -28.92 -1.96
C ILE B 69 7.43 -28.76 -1.70
N VAL B 70 6.83 -27.70 -2.25
CA VAL B 70 5.40 -27.49 -2.05
C VAL B 70 4.59 -28.62 -2.67
N ARG B 71 4.98 -29.09 -3.85
CA ARG B 71 4.24 -30.17 -4.48
C ARG B 71 4.31 -31.45 -3.65
N ILE B 72 5.49 -31.74 -3.11
CA ILE B 72 5.65 -32.92 -2.26
C ILE B 72 4.80 -32.77 -1.00
N ALA B 73 4.84 -31.59 -0.39
CA ALA B 73 4.02 -31.34 0.80
C ALA B 73 2.56 -31.56 0.49
N ASN B 74 2.12 -31.14 -0.71
CA ASN B 74 0.73 -31.38 -1.10
C ASN B 74 0.43 -32.87 -1.24
N GLU B 75 1.38 -33.65 -1.77
CA GLU B 75 1.12 -35.08 -1.95
C GLU B 75 0.98 -35.77 -0.60
N TYR B 76 1.77 -35.35 0.39
CA TYR B 76 1.80 -36.02 1.67
C TYR B 76 0.98 -35.35 2.75
N GLY B 77 0.39 -34.19 2.47
CA GLY B 77 -0.33 -33.50 3.52
C GLY B 77 0.56 -32.90 4.60
N ILE B 78 1.77 -32.49 4.24
CA ILE B 78 2.75 -31.99 5.20
C ILE B 78 2.61 -30.47 5.29
N PRO B 79 2.33 -29.90 6.45
CA PRO B 79 2.32 -28.43 6.56
C PRO B 79 3.72 -27.85 6.48
N LEU B 80 3.82 -26.68 5.85
CA LEU B 80 5.09 -25.98 5.65
C LEU B 80 5.03 -24.60 6.26
N HIS B 81 6.03 -24.27 7.06
CA HIS B 81 6.13 -22.93 7.61
C HIS B 81 7.29 -22.22 6.92
N PRO B 82 7.03 -21.37 5.93
CA PRO B 82 8.12 -20.67 5.25
C PRO B 82 8.67 -19.53 6.10
N VAL B 83 9.99 -19.44 6.15
CA VAL B 83 10.67 -18.33 6.81
C VAL B 83 11.76 -17.84 5.89
N SER B 84 12.29 -16.66 6.20
CA SER B 84 13.40 -16.14 5.43
C SER B 84 14.66 -16.46 6.20
N THR B 85 14.98 -15.64 7.20
CA THR B 85 16.05 -15.96 8.12
C THR B 85 15.56 -16.54 9.44
N GLY B 86 14.26 -16.49 9.70
CA GLY B 86 13.70 -17.10 10.90
C GLY B 86 14.11 -16.41 12.20
N LYS B 87 14.35 -15.11 12.17
CA LYS B 87 14.72 -14.36 13.37
C LYS B 87 13.54 -13.57 13.91
N ASN B 88 12.33 -14.10 13.80
CA ASN B 88 11.13 -13.39 14.27
C ASN B 88 11.03 -13.48 15.78
N ASN B 89 12.10 -13.10 16.48
CA ASN B 89 12.14 -13.25 17.92
C ASN B 89 11.21 -12.26 18.59
N GLY B 90 10.47 -12.74 19.59
CA GLY B 90 9.38 -12.02 20.19
C GLY B 90 8.03 -12.43 19.66
N TYR B 91 8.02 -13.12 18.51
CA TYR B 91 6.80 -13.55 17.85
C TYR B 91 6.83 -15.04 17.51
N GLY B 92 7.88 -15.76 17.92
CA GLY B 92 7.92 -17.17 17.67
C GLY B 92 9.24 -17.66 17.12
N GLY B 93 10.14 -16.74 16.78
CA GLY B 93 11.39 -17.15 16.15
C GLY B 93 11.12 -17.74 14.78
N ALA B 94 11.72 -18.89 14.51
CA ALA B 94 11.44 -19.64 13.30
C ALA B 94 10.38 -20.71 13.51
N ALA B 95 9.83 -20.82 14.71
CA ALA B 95 9.01 -21.97 15.04
C ALA B 95 7.63 -21.84 14.38
N PRO B 96 7.07 -22.95 13.91
CA PRO B 96 5.77 -22.88 13.23
C PRO B 96 4.64 -22.73 14.23
N ARG B 97 3.58 -22.04 13.79
CA ARG B 97 2.37 -21.99 14.62
C ARG B 97 1.85 -23.40 14.88
N LEU B 98 1.80 -24.23 13.85
CA LEU B 98 1.31 -25.60 13.96
C LEU B 98 2.48 -26.55 14.23
N SER B 99 2.50 -27.17 15.41
CA SER B 99 3.51 -28.18 15.70
C SER B 99 3.42 -29.32 14.68
N GLY B 100 4.58 -29.85 14.29
CA GLY B 100 4.64 -30.87 13.26
C GLY B 100 4.89 -30.34 11.87
N SER B 101 4.82 -29.02 11.69
CA SER B 101 5.11 -28.45 10.38
C SER B 101 6.61 -28.49 10.10
N VAL B 102 6.92 -28.59 8.81
CA VAL B 102 8.29 -28.51 8.31
C VAL B 102 8.60 -27.05 8.04
N ILE B 103 9.71 -26.56 8.59
CA ILE B 103 10.16 -25.21 8.28
C ILE B 103 10.83 -25.20 6.92
N VAL B 104 10.40 -24.28 6.04
CA VAL B 104 11.11 -24.05 4.79
C VAL B 104 11.93 -22.79 5.00
N LYS B 105 13.22 -22.97 5.26
CA LYS B 105 14.12 -21.86 5.52
C LYS B 105 14.67 -21.39 4.18
N THR B 106 13.95 -20.47 3.55
CA THR B 106 14.35 -20.04 2.22
C THR B 106 15.67 -19.29 2.23
N GLY B 107 15.99 -18.58 3.33
CA GLY B 107 17.10 -17.67 3.32
C GLY B 107 18.47 -18.30 3.52
N GLU B 108 18.50 -19.56 3.96
CA GLU B 108 19.78 -20.23 4.17
C GLU B 108 20.61 -20.22 2.89
N ARG B 109 20.01 -20.60 1.77
CA ARG B 109 20.73 -20.65 0.50
C ARG B 109 20.19 -19.68 -0.55
N MET B 110 18.96 -19.19 -0.41
CA MET B 110 18.44 -18.20 -1.35
C MET B 110 18.73 -16.83 -0.74
N ASN B 111 19.99 -16.41 -0.90
CA ASN B 111 20.51 -15.29 -0.12
C ASN B 111 21.20 -14.26 -1.00
N ARG B 112 20.82 -14.18 -2.27
CA ARG B 112 21.52 -13.30 -3.21
C ARG B 112 20.85 -11.95 -3.29
N ILE B 113 21.68 -10.91 -3.37
CA ILE B 113 21.25 -9.59 -3.81
C ILE B 113 21.18 -9.64 -5.33
N LEU B 114 19.96 -9.66 -5.87
CA LEU B 114 19.82 -9.84 -7.32
C LEU B 114 20.08 -8.54 -8.08
N GLU B 115 19.66 -7.41 -7.52
CA GLU B 115 19.95 -6.13 -8.14
C GLU B 115 19.95 -5.07 -7.07
N VAL B 116 20.87 -4.13 -7.18
CA VAL B 116 20.75 -2.84 -6.50
C VAL B 116 20.91 -1.77 -7.56
N ASN B 117 19.86 -0.98 -7.77
CA ASN B 117 19.83 0.00 -8.83
C ASN B 117 20.03 1.39 -8.21
N GLU B 118 21.18 1.99 -8.49
CA GLU B 118 21.52 3.31 -7.94
C GLU B 118 20.64 4.40 -8.53
N LYS B 119 20.31 4.30 -9.81
CA LYS B 119 19.62 5.38 -10.51
C LYS B 119 18.17 5.51 -10.03
N TYR B 120 17.46 4.39 -9.92
CA TYR B 120 16.06 4.42 -9.50
C TYR B 120 15.87 4.10 -8.02
N GLY B 121 16.94 3.76 -7.32
CA GLY B 121 16.87 3.57 -5.87
C GLY B 121 16.04 2.38 -5.46
N TYR B 122 16.49 1.17 -5.78
CA TYR B 122 15.80 -0.02 -5.33
C TYR B 122 16.76 -1.18 -5.21
N ALA B 123 16.29 -2.23 -4.55
CA ALA B 123 16.98 -3.51 -4.53
C ALA B 123 15.98 -4.60 -4.87
N LEU B 124 16.46 -5.66 -5.51
CA LEU B 124 15.68 -6.88 -5.72
C LEU B 124 16.42 -7.98 -4.99
N LEU B 125 15.74 -8.61 -4.03
CA LEU B 125 16.42 -9.42 -3.01
C LEU B 125 15.82 -10.81 -2.91
N GLU B 126 16.65 -11.77 -2.60
CA GLU B 126 16.18 -13.06 -2.13
C GLU B 126 16.01 -13.03 -0.62
N PRO B 127 15.28 -13.99 -0.03
CA PRO B 127 14.95 -13.86 1.40
C PRO B 127 16.15 -13.93 2.33
N GLY B 128 17.28 -14.49 1.90
CA GLY B 128 18.39 -14.63 2.81
C GLY B 128 19.25 -13.40 2.99
N VAL B 129 18.97 -12.33 2.25
CA VAL B 129 19.71 -11.08 2.42
C VAL B 129 19.33 -10.46 3.76
N THR B 130 20.29 -10.41 4.69
CA THR B 130 20.03 -9.73 5.94
C THR B 130 20.28 -8.24 5.79
N TYR B 131 19.86 -7.46 6.80
CA TYR B 131 20.17 -6.04 6.79
C TYR B 131 21.68 -5.81 6.82
N PHE B 132 22.42 -6.66 7.55
CA PHE B 132 23.87 -6.55 7.54
C PHE B 132 24.43 -6.85 6.14
N ASP B 133 23.88 -7.87 5.47
CA ASP B 133 24.31 -8.19 4.11
C ASP B 133 24.11 -7.01 3.18
N LEU B 134 22.92 -6.41 3.20
CA LEU B 134 22.64 -5.33 2.26
C LEU B 134 23.49 -4.12 2.60
N TYR B 135 23.67 -3.83 3.89
CA TYR B 135 24.52 -2.71 4.29
C TYR B 135 25.94 -2.90 3.79
N GLU B 136 26.47 -4.12 3.91
CA GLU B 136 27.83 -4.39 3.44
C GLU B 136 27.93 -4.21 1.93
N TYR B 137 26.90 -4.64 1.20
CA TYR B 137 26.90 -4.41 -0.25
C TYR B 137 26.92 -2.92 -0.56
N LEU B 138 26.08 -2.15 0.13
CA LEU B 138 25.99 -0.72 -0.16
C LEU B 138 27.28 -0.02 0.21
N GLN B 139 27.92 -0.44 1.30
CA GLN B 139 29.21 0.14 1.66
C GLN B 139 30.28 -0.22 0.65
N SER B 140 30.27 -1.47 0.17
CA SER B 140 31.35 -1.94 -0.70
C SER B 140 31.24 -1.34 -2.10
N HIS B 141 30.06 -0.88 -2.50
CA HIS B 141 29.88 -0.29 -3.81
C HIS B 141 29.78 1.24 -3.75
N ASP B 142 30.13 1.84 -2.59
CA ASP B 142 30.06 3.28 -2.36
C ASP B 142 28.70 3.84 -2.77
N SER B 143 27.66 3.09 -2.45
CA SER B 143 26.31 3.47 -2.86
C SER B 143 25.89 4.78 -2.21
N GLY B 144 25.06 5.54 -2.94
CA GLY B 144 24.38 6.70 -2.40
C GLY B 144 23.06 6.39 -1.74
N LEU B 145 22.71 5.12 -1.63
CA LEU B 145 21.46 4.70 -1.04
C LEU B 145 21.68 4.23 0.40
N MET B 146 20.60 4.26 1.18
CA MET B 146 20.62 3.67 2.50
C MET B 146 19.43 2.73 2.62
N LEU B 147 19.58 1.75 3.50
CA LEU B 147 18.50 0.84 3.83
C LEU B 147 17.72 1.37 5.03
N ASP B 148 16.65 0.67 5.35
CA ASP B 148 15.84 0.94 6.53
C ASP B 148 15.76 -0.35 7.33
N CYS B 149 16.27 -0.32 8.54
CA CYS B 149 16.36 -1.54 9.31
C CYS B 149 15.57 -1.44 10.62
N PRO B 150 15.10 -2.57 11.14
CA PRO B 150 14.56 -2.59 12.50
C PRO B 150 15.68 -2.52 13.51
N GLU B 151 15.36 -2.72 14.79
CA GLU B 151 16.38 -2.55 15.83
C GLU B 151 17.52 -3.56 15.69
N LEU B 152 17.23 -4.75 15.19
CA LEU B 152 18.24 -5.79 15.07
C LEU B 152 18.51 -6.06 13.61
N GLY B 153 19.79 -6.08 13.24
CA GLY B 153 20.16 -6.20 11.85
C GLY B 153 20.32 -7.60 11.32
N TRP B 154 20.14 -8.62 12.16
CA TRP B 154 20.38 -9.98 11.69
C TRP B 154 19.18 -10.59 10.98
N GLY B 155 18.06 -9.87 10.93
CA GLY B 155 16.89 -10.36 10.23
C GLY B 155 16.97 -10.08 8.74
N SER B 156 15.86 -10.38 8.07
CA SER B 156 15.77 -10.40 6.62
C SER B 156 15.03 -9.18 6.10
N VAL B 157 15.59 -8.51 5.10
CA VAL B 157 14.85 -7.42 4.46
C VAL B 157 13.49 -7.92 4.00
N VAL B 158 13.48 -9.11 3.41
CA VAL B 158 12.24 -9.70 2.91
C VAL B 158 11.38 -10.19 4.07
N GLY B 159 11.95 -11.04 4.93
CA GLY B 159 11.16 -11.68 5.97
C GLY B 159 10.48 -10.69 6.88
N ASN B 160 11.20 -9.62 7.24
CA ASN B 160 10.63 -8.59 8.10
C ASN B 160 9.47 -7.90 7.41
N THR B 161 9.64 -7.58 6.12
CA THR B 161 8.56 -7.00 5.33
C THR B 161 7.33 -7.91 5.30
N LEU B 162 7.56 -9.23 5.19
CA LEU B 162 6.45 -10.16 5.06
C LEU B 162 5.68 -10.37 6.35
N ASP B 163 6.19 -9.89 7.49
CA ASP B 163 5.40 -9.79 8.71
C ASP B 163 5.01 -8.36 9.00
N ARG B 164 5.15 -7.48 8.00
CA ARG B 164 4.92 -6.03 8.09
C ARG B 164 5.67 -5.42 9.26
N GLY B 165 6.94 -5.82 9.40
CA GLY B 165 7.83 -5.19 10.34
C GLY B 165 8.18 -3.79 9.89
N VAL B 166 8.87 -3.04 10.76
CA VAL B 166 9.08 -1.62 10.53
C VAL B 166 10.44 -1.17 11.06
N GLY B 167 10.93 -0.10 10.47
CA GLY B 167 12.13 0.57 10.92
C GLY B 167 11.85 2.03 11.13
N TYR B 168 12.90 2.86 11.11
CA TYR B 168 12.85 4.16 11.75
C TYR B 168 13.34 5.33 10.90
N THR B 169 13.74 5.08 9.66
CA THR B 169 14.03 6.17 8.72
C THR B 169 12.72 6.61 8.08
N PRO B 170 12.74 7.61 7.19
CA PRO B 170 11.52 7.94 6.44
C PRO B 170 10.96 6.76 5.65
N TYR B 171 11.75 5.74 5.37
CA TYR B 171 11.27 4.54 4.69
C TYR B 171 10.93 3.43 5.68
N GLY B 172 10.48 3.80 6.88
CA GLY B 172 10.26 2.82 7.94
C GLY B 172 9.13 1.86 7.70
N ASP B 173 8.19 2.20 6.83
CA ASP B 173 7.09 1.28 6.52
C ASP B 173 7.58 0.36 5.41
N HIS B 174 8.07 -0.82 5.79
CA HIS B 174 8.71 -1.70 4.83
C HIS B 174 7.74 -2.17 3.76
N PHE B 175 6.51 -2.51 4.15
CA PHE B 175 5.58 -2.97 3.14
C PHE B 175 5.25 -1.86 2.14
N MET B 176 5.14 -0.62 2.64
CA MET B 176 4.89 0.50 1.73
C MET B 176 5.94 0.57 0.63
N TRP B 177 7.21 0.44 1.00
CA TRP B 177 8.27 0.58 0.00
C TRP B 177 8.57 -0.73 -0.73
N GLN B 178 8.05 -1.86 -0.25
CA GLN B 178 8.14 -3.09 -1.03
C GLN B 178 7.51 -2.88 -2.39
N THR B 179 8.20 -3.34 -3.44
CA THR B 179 7.75 -3.09 -4.81
C THR B 179 8.04 -4.35 -5.61
N GLY B 180 7.02 -5.14 -5.87
CA GLY B 180 7.17 -6.37 -6.61
C GLY B 180 7.56 -7.57 -5.77
N LEU B 181 6.97 -8.71 -6.06
CA LEU B 181 7.46 -9.93 -5.41
C LEU B 181 7.19 -11.12 -6.33
N GLU B 182 7.91 -12.19 -6.05
CA GLU B 182 7.69 -13.49 -6.67
C GLU B 182 7.29 -14.45 -5.57
N VAL B 183 6.28 -15.27 -5.83
CA VAL B 183 5.73 -16.14 -4.80
C VAL B 183 5.35 -17.49 -5.40
N VAL B 184 5.63 -18.54 -4.64
CA VAL B 184 5.17 -19.89 -4.96
C VAL B 184 3.85 -20.09 -4.22
N LEU B 185 2.77 -20.28 -4.98
CA LEU B 185 1.44 -20.43 -4.41
C LEU B 185 1.30 -21.81 -3.78
N PRO B 186 0.21 -22.07 -3.02
CA PRO B 186 0.20 -23.23 -2.13
C PRO B 186 0.17 -24.58 -2.82
N GLN B 187 -0.08 -24.66 -4.13
CA GLN B 187 0.03 -25.93 -4.83
C GLN B 187 1.25 -26.00 -5.74
N GLY B 188 2.16 -25.04 -5.64
CA GLY B 188 3.41 -25.09 -6.34
C GLY B 188 3.55 -24.20 -7.55
N GLU B 189 2.49 -23.51 -7.95
CA GLU B 189 2.55 -22.56 -9.05
C GLU B 189 3.36 -21.34 -8.62
N VAL B 190 4.10 -20.74 -9.55
CA VAL B 190 4.88 -19.54 -9.27
C VAL B 190 4.25 -18.35 -9.96
N MET B 191 4.28 -17.20 -9.28
CA MET B 191 3.61 -15.98 -9.72
C MET B 191 4.47 -14.76 -9.39
N ARG B 192 4.48 -13.79 -10.30
CA ARG B 192 5.08 -12.48 -10.03
C ARG B 192 4.01 -11.42 -9.95
N THR B 193 4.12 -10.52 -8.97
CA THR B 193 3.16 -9.45 -8.85
C THR B 193 3.59 -8.21 -9.62
N GLY B 194 2.63 -7.31 -9.80
CA GLY B 194 2.94 -5.99 -10.33
C GLY B 194 3.46 -6.04 -11.76
N MET B 195 4.42 -5.17 -12.05
CA MET B 195 5.01 -5.17 -13.38
C MET B 195 5.86 -6.42 -13.64
N GLY B 196 6.19 -7.19 -12.60
CA GLY B 196 6.86 -8.46 -12.84
C GLY B 196 5.99 -9.44 -13.59
N ALA B 197 4.67 -9.22 -13.58
CA ALA B 197 3.78 -10.08 -14.34
C ALA B 197 3.84 -9.78 -15.83
N LEU B 198 4.47 -8.66 -16.24
CA LEU B 198 4.61 -8.32 -17.64
C LEU B 198 5.97 -8.77 -18.15
N PRO B 199 6.06 -9.78 -18.99
CA PRO B 199 7.38 -10.31 -19.37
C PRO B 199 8.22 -9.23 -20.03
N GLY B 200 9.45 -9.09 -19.54
CA GLY B 200 10.39 -8.14 -20.10
C GLY B 200 10.28 -6.74 -19.54
N SER B 201 9.38 -6.50 -18.59
CA SER B 201 9.29 -5.18 -18.01
C SER B 201 10.49 -4.89 -17.13
N ASP B 202 11.00 -3.67 -17.22
CA ASP B 202 12.05 -3.17 -16.33
C ASP B 202 11.48 -2.48 -15.10
N ALA B 203 10.16 -2.52 -14.92
CA ALA B 203 9.51 -1.69 -13.91
C ALA B 203 9.00 -2.49 -12.71
N TRP B 204 9.48 -3.73 -12.52
CA TRP B 204 9.05 -4.53 -11.38
C TRP B 204 9.28 -3.81 -10.05
N GLN B 205 10.41 -3.12 -9.92
CA GLN B 205 10.72 -2.39 -8.70
C GLN B 205 10.48 -0.90 -8.84
N LEU B 206 9.79 -0.49 -9.89
CA LEU B 206 9.47 0.92 -10.10
C LEU B 206 8.03 1.25 -9.80
N PHE B 207 7.11 0.38 -10.18
CA PHE B 207 5.68 0.65 -10.08
C PHE B 207 5.04 -0.55 -9.38
N PRO B 208 4.53 -0.40 -8.16
CA PRO B 208 4.12 -1.57 -7.39
C PRO B 208 2.84 -2.24 -7.86
N TYR B 209 1.92 -1.48 -8.48
CA TYR B 209 0.56 -1.98 -8.62
C TYR B 209 0.35 -2.89 -9.82
N GLY B 210 1.07 -2.69 -10.91
CA GLY B 210 0.76 -3.45 -12.11
C GLY B 210 -0.63 -3.09 -12.62
N PHE B 211 -1.41 -4.11 -12.96
CA PHE B 211 -2.76 -3.94 -13.49
C PHE B 211 -3.70 -4.90 -12.76
N GLY B 212 -4.93 -4.44 -12.51
CA GLY B 212 -5.92 -5.28 -11.84
C GLY B 212 -5.81 -5.23 -10.32
N PRO B 213 -6.51 -6.14 -9.63
CA PRO B 213 -6.51 -6.09 -8.16
C PRO B 213 -5.11 -6.20 -7.60
N PHE B 214 -4.85 -5.42 -6.55
CA PHE B 214 -3.50 -5.31 -6.01
C PHE B 214 -3.28 -6.36 -4.92
N PRO B 215 -2.43 -7.38 -5.15
CA PRO B 215 -2.41 -8.54 -4.26
C PRO B 215 -1.31 -8.57 -3.22
N ASP B 216 -0.27 -7.73 -3.34
CA ASP B 216 0.97 -8.01 -2.60
C ASP B 216 0.72 -8.05 -1.10
N GLY B 217 -0.18 -7.20 -0.59
CA GLY B 217 -0.47 -7.19 0.83
C GLY B 217 -1.05 -8.50 1.32
N MET B 218 -1.66 -9.28 0.43
CA MET B 218 -2.19 -10.57 0.84
C MET B 218 -1.11 -11.59 1.11
N PHE B 219 0.14 -11.28 0.80
CA PHE B 219 1.24 -12.16 1.12
C PHE B 219 2.04 -11.67 2.31
N THR B 220 1.50 -10.72 3.06
CA THR B 220 2.12 -10.26 4.30
C THR B 220 1.26 -10.69 5.48
N GLN B 221 1.92 -11.07 6.57
CA GLN B 221 1.26 -11.75 7.70
C GLN B 221 0.31 -12.83 7.19
N SER B 222 0.81 -13.65 6.27
CA SER B 222 -0.01 -14.46 5.41
C SER B 222 0.43 -15.91 5.41
N ASN B 223 -0.46 -16.80 4.98
CA ASN B 223 -0.07 -18.16 4.66
C ASN B 223 -0.55 -18.53 3.26
N LEU B 224 -0.42 -17.59 2.32
CA LEU B 224 -0.90 -17.83 0.96
C LEU B 224 0.22 -18.20 0.00
N GLY B 225 1.45 -18.32 0.46
CA GLY B 225 2.50 -18.71 -0.45
C GLY B 225 3.86 -18.63 0.21
N ILE B 226 4.87 -19.00 -0.57
CA ILE B 226 6.26 -18.92 -0.14
C ILE B 226 6.94 -17.91 -1.05
N VAL B 227 7.33 -16.78 -0.48
CA VAL B 227 7.95 -15.72 -1.26
C VAL B 227 9.39 -16.07 -1.56
N THR B 228 9.80 -15.87 -2.80
CA THR B 228 11.13 -16.24 -3.25
C THR B 228 11.96 -15.06 -3.73
N LYS B 229 11.33 -13.95 -4.12
CA LYS B 229 12.02 -12.72 -4.46
C LYS B 229 11.15 -11.54 -4.04
N MET B 230 11.79 -10.44 -3.67
CA MET B 230 11.02 -9.27 -3.28
C MET B 230 11.84 -8.03 -3.61
N GLY B 231 11.18 -7.04 -4.21
CA GLY B 231 11.82 -5.75 -4.44
C GLY B 231 11.46 -4.77 -3.34
N ILE B 232 12.36 -3.82 -3.10
CA ILE B 232 12.11 -2.75 -2.13
C ILE B 232 12.79 -1.46 -2.59
N ALA B 233 12.07 -0.35 -2.47
CA ALA B 233 12.67 0.94 -2.75
C ALA B 233 13.69 1.29 -1.67
N LEU B 234 14.74 2.00 -2.07
CA LEU B 234 15.78 2.42 -1.16
C LEU B 234 15.93 3.93 -1.24
N MET B 235 15.93 4.59 -0.08
CA MET B 235 16.09 6.03 -0.01
C MET B 235 17.53 6.45 -0.32
N GLN B 236 17.67 7.62 -0.95
CA GLN B 236 19.00 8.23 -1.08
C GLN B 236 19.48 8.73 0.27
N ARG B 237 20.75 8.50 0.58
CA ARG B 237 21.31 8.97 1.84
C ARG B 237 21.38 10.50 1.84
N PRO B 238 20.93 11.16 2.90
CA PRO B 238 20.99 12.63 2.97
C PRO B 238 22.42 13.10 3.18
N PRO B 239 22.69 14.39 2.93
CA PRO B 239 24.06 14.91 3.08
C PRO B 239 24.55 14.95 4.50
N ALA B 240 23.66 14.98 5.49
CA ALA B 240 24.04 15.04 6.89
C ALA B 240 22.85 14.59 7.72
N SER B 241 23.13 14.28 8.97
CA SER B 241 22.06 13.92 9.90
C SER B 241 22.48 14.28 11.31
N GLN B 242 21.48 14.46 12.16
CA GLN B 242 21.71 14.70 13.58
C GLN B 242 20.64 13.98 14.37
N SER B 243 21.05 13.16 15.32
CA SER B 243 20.08 12.53 16.21
C SER B 243 20.03 13.26 17.53
N PHE B 244 18.91 13.11 18.23
CA PHE B 244 18.73 13.82 19.47
C PHE B 244 17.89 13.00 20.42
N LEU B 245 18.07 13.29 21.71
CA LEU B 245 17.35 12.66 22.79
C LEU B 245 16.70 13.76 23.62
N ILE B 246 15.43 13.58 23.95
CA ILE B 246 14.75 14.43 24.93
C ILE B 246 14.40 13.56 26.12
N THR B 247 14.91 13.91 27.30
CA THR B 247 14.54 13.21 28.52
C THR B 247 13.38 13.94 29.18
N PHE B 248 12.39 13.18 29.65
CA PHE B 248 11.23 13.73 30.33
C PHE B 248 11.13 13.07 31.69
N ASP B 249 10.98 13.90 32.74
CA ASP B 249 11.24 13.40 34.09
C ASP B 249 10.13 12.48 34.61
N LYS B 250 8.87 12.78 34.31
CA LYS B 250 7.74 12.16 35.00
C LYS B 250 7.00 11.17 34.11
N GLU B 251 6.61 10.04 34.72
CA GLU B 251 5.65 9.12 34.13
C GLU B 251 4.51 9.83 33.42
N GLU B 252 3.93 10.83 34.08
CA GLU B 252 2.75 11.54 33.61
C GLU B 252 3.03 12.43 32.40
N ASP B 253 4.30 12.66 32.07
CA ASP B 253 4.62 13.51 30.92
C ASP B 253 4.16 12.90 29.60
N LEU B 254 3.87 11.59 29.58
CA LEU B 254 3.54 10.88 28.34
C LEU B 254 2.43 11.58 27.57
N GLU B 255 1.38 12.00 28.27
CA GLU B 255 0.24 12.64 27.61
C GLU B 255 0.67 13.89 26.86
N GLN B 256 1.46 14.74 27.51
CA GLN B 256 1.84 16.00 26.85
C GLN B 256 2.88 15.77 25.77
N ILE B 257 3.76 14.78 25.95
CA ILE B 257 4.76 14.48 24.93
C ILE B 257 4.08 14.11 23.62
N VAL B 258 3.12 13.18 23.68
CA VAL B 258 2.45 12.73 22.47
C VAL B 258 1.62 13.85 21.84
N ASP B 259 0.96 14.66 22.68
CA ASP B 259 0.15 15.74 22.14
C ASP B 259 0.98 16.82 21.48
N ILE B 260 2.17 17.10 21.99
CA ILE B 260 3.04 18.07 21.33
C ILE B 260 3.64 17.47 20.07
N MET B 261 3.91 16.17 20.11
CA MET B 261 4.55 15.47 19.00
C MET B 261 3.70 15.53 17.73
N LEU B 262 2.39 15.27 17.85
CA LEU B 262 1.59 15.02 16.65
C LEU B 262 1.66 16.14 15.63
N PRO B 263 1.49 17.42 15.99
CA PRO B 263 1.59 18.47 14.94
C PRO B 263 2.97 18.57 14.33
N LEU B 264 4.01 18.12 15.03
CA LEU B 264 5.37 18.15 14.51
C LEU B 264 5.68 16.95 13.62
N ARG B 265 4.82 15.94 13.63
CA ARG B 265 5.08 14.69 12.94
C ARG B 265 4.20 14.48 11.71
N ILE B 266 2.96 14.95 11.76
CA ILE B 266 1.96 14.54 10.77
C ILE B 266 2.33 14.98 9.36
N ASN B 267 3.10 16.07 9.22
CA ASN B 267 3.59 16.49 7.92
C ASN B 267 5.02 16.05 7.64
N MET B 268 5.55 15.09 8.40
CA MET B 268 6.89 14.53 8.22
C MET B 268 7.98 15.58 8.41
N ALA B 269 7.67 16.67 9.10
CA ALA B 269 8.64 17.71 9.39
C ALA B 269 8.03 18.58 10.48
N PRO B 270 8.79 18.99 11.50
CA PRO B 270 10.25 18.75 11.63
C PRO B 270 10.63 17.33 12.03
N LEU B 271 9.66 16.52 12.46
CA LEU B 271 9.96 15.15 12.85
C LEU B 271 9.97 14.30 11.59
N GLN B 272 11.14 14.22 10.95
CA GLN B 272 11.30 13.60 9.64
C GLN B 272 11.40 12.08 9.71
N ASN B 273 11.99 11.56 10.78
CA ASN B 273 12.12 10.13 10.92
C ASN B 273 10.98 9.63 11.80
N VAL B 274 11.03 8.35 12.14
CA VAL B 274 10.03 7.74 13.01
C VAL B 274 10.44 7.99 14.45
N PRO B 275 9.80 8.92 15.16
CA PRO B 275 10.16 9.13 16.56
C PRO B 275 9.87 7.89 17.38
N VAL B 276 10.69 7.66 18.40
CA VAL B 276 10.40 6.61 19.36
C VAL B 276 10.47 7.21 20.75
N LEU B 277 9.53 6.81 21.61
CA LEU B 277 9.42 7.32 22.97
C LEU B 277 9.51 6.11 23.89
N ARG B 278 10.67 5.92 24.50
CA ARG B 278 10.99 4.73 25.27
C ARG B 278 11.00 5.05 26.76
N ASN B 279 10.54 4.10 27.58
CA ASN B 279 10.57 4.38 29.01
C ASN B 279 11.91 3.94 29.61
N ILE B 280 12.10 4.30 30.88
CA ILE B 280 13.39 4.09 31.52
C ILE B 280 13.74 2.61 31.58
N PHE B 281 12.72 1.75 31.73
CA PHE B 281 12.96 0.32 31.77
C PHE B 281 13.53 -0.18 30.46
N MET B 282 12.99 0.30 29.34
CA MET B 282 13.49 -0.09 28.02
C MET B 282 14.95 0.32 27.85
N ASP B 283 15.27 1.57 28.22
CA ASP B 283 16.62 2.09 28.01
C ASP B 283 17.60 1.47 28.99
N ALA B 284 17.18 1.29 30.24
CA ALA B 284 18.05 0.66 31.23
C ALA B 284 18.38 -0.76 30.83
N ALA B 285 17.39 -1.51 30.34
CA ALA B 285 17.66 -2.88 29.93
C ALA B 285 18.65 -2.95 28.78
N ALA B 286 18.80 -1.87 28.02
CA ALA B 286 19.74 -1.86 26.92
C ALA B 286 21.19 -1.72 27.36
N VAL B 287 21.42 -1.31 28.61
CA VAL B 287 22.77 -0.99 29.07
C VAL B 287 23.11 -1.62 30.41
N SER B 288 22.21 -2.41 31.00
CA SER B 288 22.37 -2.87 32.37
C SER B 288 21.44 -4.04 32.64
N LYS B 289 21.73 -4.74 33.74
CA LYS B 289 20.91 -5.85 34.22
C LYS B 289 19.96 -5.36 35.32
N ARG B 290 18.86 -6.09 35.50
CA ARG B 290 17.87 -5.71 36.52
C ARG B 290 18.51 -5.59 37.89
N THR B 291 19.36 -6.55 38.25
CA THR B 291 19.86 -6.62 39.62
C THR B 291 20.78 -5.45 39.98
N GLU B 292 21.28 -4.69 39.00
CA GLU B 292 22.00 -3.47 39.33
C GLU B 292 21.10 -2.43 39.99
N TRP B 293 19.79 -2.56 39.83
CA TRP B 293 18.85 -1.59 40.38
C TRP B 293 17.94 -2.18 41.44
N PHE B 294 17.69 -3.49 41.41
CA PHE B 294 16.75 -4.14 42.31
C PHE B 294 16.95 -5.64 42.15
N ASP B 295 17.33 -6.32 43.23
CA ASP B 295 17.50 -7.77 43.24
C ASP B 295 16.41 -8.45 44.05
N GLY B 296 15.34 -7.73 44.39
CA GLY B 296 14.27 -8.32 45.16
C GLY B 296 13.21 -9.01 44.33
N ASP B 297 12.17 -9.46 45.04
CA ASP B 297 10.96 -10.04 44.46
C ASP B 297 10.05 -8.94 43.93
N GLY B 298 9.25 -9.28 42.92
CA GLY B 298 8.15 -8.44 42.50
C GLY B 298 8.52 -7.14 41.81
N PRO B 299 7.52 -6.32 41.50
CA PRO B 299 7.76 -5.12 40.69
C PRO B 299 8.76 -4.16 41.32
N MET B 300 9.49 -3.45 40.46
CA MET B 300 10.57 -2.58 40.91
C MET B 300 10.02 -1.36 41.64
N PRO B 301 10.57 -1.00 42.79
CA PRO B 301 10.04 0.14 43.53
C PRO B 301 10.55 1.48 42.99
N ALA B 302 9.82 2.53 43.37
CA ALA B 302 10.09 3.87 42.84
C ALA B 302 11.49 4.36 43.17
N GLU B 303 12.02 3.94 44.33
CA GLU B 303 13.41 4.29 44.65
C GLU B 303 14.37 3.72 43.61
N ALA B 304 14.16 2.45 43.24
CA ALA B 304 14.99 1.85 42.21
C ALA B 304 14.85 2.56 40.87
N ILE B 305 13.66 3.09 40.59
CA ILE B 305 13.43 3.79 39.33
C ILE B 305 14.21 5.11 39.32
N GLU B 306 14.17 5.86 40.43
CA GLU B 306 14.90 7.12 40.51
C GLU B 306 16.39 6.89 40.33
N ARG B 307 16.90 5.77 40.85
CA ARG B 307 18.31 5.43 40.69
C ARG B 307 18.66 5.20 39.23
N MET B 308 17.85 4.38 38.54
CA MET B 308 18.02 4.19 37.10
C MET B 308 18.12 5.53 36.38
N LYS B 309 17.17 6.44 36.68
CA LYS B 309 17.12 7.72 36.00
C LYS B 309 18.33 8.58 36.36
N LYS B 310 18.65 8.67 37.65
CA LYS B 310 19.78 9.51 38.06
C LYS B 310 21.09 8.98 37.50
N ASP B 311 21.32 7.67 37.61
CA ASP B 311 22.62 7.11 37.25
C ASP B 311 22.82 7.11 35.74
N LEU B 312 21.79 6.76 34.99
CA LEU B 312 21.87 6.80 33.53
C LEU B 312 21.66 8.18 32.97
N ASP B 313 21.23 9.16 33.79
CA ASP B 313 20.94 10.51 33.32
C ASP B 313 19.84 10.50 32.26
N LEU B 314 18.81 9.68 32.50
CA LEU B 314 17.67 9.54 31.62
C LEU B 314 16.39 9.93 32.35
N GLY B 315 15.35 10.21 31.58
CA GLY B 315 14.04 10.44 32.18
C GLY B 315 13.25 9.16 32.31
N PHE B 316 12.03 9.30 32.83
CA PHE B 316 11.15 8.15 32.72
C PHE B 316 10.77 7.90 31.28
N TRP B 317 10.57 8.96 30.50
CA TRP B 317 10.30 8.85 29.07
C TRP B 317 11.43 9.52 28.31
N ASN B 318 11.92 8.84 27.29
CA ASN B 318 13.07 9.31 26.53
C ASN B 318 12.72 9.28 25.05
N PHE B 319 12.71 10.47 24.43
CA PHE B 319 12.27 10.67 23.06
C PHE B 319 13.49 10.73 22.15
N TYR B 320 13.56 9.82 21.18
CA TYR B 320 14.69 9.74 20.26
C TYR B 320 14.21 10.09 18.85
N GLY B 321 14.93 10.98 18.19
CA GLY B 321 14.62 11.33 16.81
C GLY B 321 15.89 11.59 16.04
N THR B 322 15.74 11.65 14.72
CA THR B 322 16.86 11.97 13.84
C THR B 322 16.40 12.92 12.76
N LEU B 323 17.24 13.92 12.49
CA LEU B 323 16.98 14.93 11.47
C LEU B 323 17.95 14.72 10.31
N TYR B 324 17.49 15.08 9.11
CA TYR B 324 18.21 14.79 7.88
C TYR B 324 18.24 16.01 6.97
N GLY B 325 19.35 16.16 6.25
CA GLY B 325 19.43 17.20 5.23
C GLY B 325 20.59 18.14 5.46
N PRO B 326 20.59 19.26 4.74
CA PRO B 326 21.64 20.27 4.93
C PRO B 326 21.68 20.76 6.36
N PRO B 327 22.86 21.05 6.89
CA PRO B 327 22.98 21.52 8.29
C PRO B 327 22.03 22.66 8.65
N PRO B 328 21.80 23.64 7.76
CA PRO B 328 20.83 24.70 8.15
C PRO B 328 19.42 24.18 8.38
N LEU B 329 18.95 23.25 7.55
CA LEU B 329 17.64 22.65 7.76
C LEU B 329 17.59 21.92 9.09
N ILE B 330 18.63 21.12 9.37
CA ILE B 330 18.72 20.38 10.62
C ILE B 330 18.60 21.33 11.82
N GLU B 331 19.34 22.44 11.79
CA GLU B 331 19.30 23.40 12.90
C GLU B 331 17.91 24.00 13.06
N MET B 332 17.28 24.36 11.93
CA MET B 332 15.95 24.95 11.98
C MET B 332 14.94 23.98 12.57
N TYR B 333 15.00 22.70 12.15
CA TYR B 333 14.07 21.71 12.66
C TYR B 333 14.35 21.39 14.13
N TYR B 334 15.62 21.27 14.51
CA TYR B 334 15.94 21.03 15.91
C TYR B 334 15.47 22.18 16.78
N GLY B 335 15.61 23.42 16.30
CA GLY B 335 15.10 24.56 17.05
C GLY B 335 13.59 24.47 17.26
N MET B 336 12.85 24.06 16.22
CA MET B 336 11.41 23.91 16.36
C MET B 336 11.08 22.83 17.37
N ILE B 337 11.84 21.73 17.37
CA ILE B 337 11.59 20.61 18.27
C ILE B 337 11.90 21.01 19.71
N LYS B 338 13.01 21.73 19.92
CA LYS B 338 13.37 22.20 21.25
C LYS B 338 12.30 23.16 21.79
N GLU B 339 11.86 24.07 20.94
CA GLU B 339 10.90 25.08 21.36
C GLU B 339 9.55 24.45 21.71
N ALA B 340 9.17 23.39 21.01
CA ALA B 340 7.88 22.75 21.27
C ALA B 340 7.92 21.87 22.52
N PHE B 341 8.88 20.94 22.58
CA PHE B 341 8.90 20.03 23.72
C PHE B 341 9.45 20.70 24.97
N GLY B 342 10.16 21.82 24.82
CA GLY B 342 10.65 22.55 25.98
C GLY B 342 9.55 23.17 26.82
N LYS B 343 8.32 23.20 26.30
CA LYS B 343 7.22 23.68 27.13
C LYS B 343 6.81 22.67 28.20
N ILE B 344 7.37 21.47 28.18
CA ILE B 344 7.11 20.47 29.21
C ILE B 344 8.14 20.66 30.33
N PRO B 345 7.71 20.96 31.57
CA PRO B 345 8.67 21.15 32.67
C PRO B 345 9.66 20.01 32.84
N GLY B 346 10.95 20.32 32.90
CA GLY B 346 11.96 19.32 33.15
C GLY B 346 12.49 18.60 31.94
N ALA B 347 12.01 18.92 30.74
CA ALA B 347 12.57 18.32 29.54
C ALA B 347 14.01 18.78 29.34
N ARG B 348 14.87 17.86 28.88
CA ARG B 348 16.25 18.17 28.58
C ARG B 348 16.65 17.56 27.25
N PHE B 349 17.50 18.28 26.52
CA PHE B 349 17.80 18.00 25.12
C PHE B 349 19.27 17.66 24.97
N PHE B 350 19.55 16.64 24.16
CA PHE B 350 20.91 16.21 23.86
C PHE B 350 20.99 15.75 22.41
N THR B 351 21.99 16.23 21.69
CA THR B 351 22.29 15.66 20.38
C THR B 351 23.24 14.48 20.52
N HIS B 352 23.41 13.73 19.42
CA HIS B 352 24.28 12.55 19.42
C HIS B 352 25.74 12.89 19.69
N GLU B 353 26.12 14.17 19.68
CA GLU B 353 27.47 14.56 19.98
C GLU B 353 27.63 15.06 21.41
N GLU B 354 26.56 15.11 22.17
CA GLU B 354 26.58 15.68 23.50
C GLU B 354 26.50 14.65 24.61
N ARG B 355 26.60 13.35 24.29
CA ARG B 355 26.59 12.35 25.35
C ARG B 355 27.50 11.18 24.99
N ASP B 356 28.53 11.00 25.82
CA ASP B 356 29.49 9.91 25.71
C ASP B 356 29.36 8.95 26.88
N ASP B 357 28.31 9.09 27.68
CA ASP B 357 28.10 8.29 28.88
C ASP B 357 27.25 7.07 28.57
N ARG B 358 27.13 6.19 29.58
CA ARG B 358 26.47 4.90 29.35
C ARG B 358 24.98 5.08 29.07
N GLY B 359 24.34 6.04 29.73
CA GLY B 359 22.93 6.28 29.46
C GLY B 359 22.68 6.78 28.05
N GLY B 360 23.69 7.37 27.43
CA GLY B 360 23.63 7.77 26.04
C GLY B 360 23.89 6.68 25.03
N HIS B 361 24.11 5.44 25.49
CA HIS B 361 24.36 4.35 24.55
C HIS B 361 23.16 4.12 23.64
N VAL B 362 21.94 4.27 24.17
CA VAL B 362 20.76 4.06 23.32
C VAL B 362 20.69 5.14 22.24
N LEU B 363 20.95 6.39 22.61
CA LEU B 363 20.97 7.47 21.62
C LEU B 363 21.98 7.16 20.51
N GLN B 364 23.17 6.70 20.88
CA GLN B 364 24.13 6.34 19.84
C GLN B 364 23.62 5.21 18.97
N ASP B 365 22.93 4.23 19.58
CA ASP B 365 22.35 3.13 18.80
C ASP B 365 21.26 3.63 17.86
N ARG B 366 20.40 4.54 18.32
CA ARG B 366 19.36 5.08 17.44
C ARG B 366 19.97 5.85 16.29
N HIS B 367 21.09 6.55 16.54
CA HIS B 367 21.75 7.32 15.50
C HIS B 367 22.28 6.43 14.39
N LYS B 368 22.66 5.19 14.72
CA LYS B 368 22.99 4.21 13.70
C LYS B 368 21.74 3.76 12.97
N ILE B 369 20.79 3.21 13.73
CA ILE B 369 19.55 2.63 13.19
C ILE B 369 18.83 3.62 12.31
N ASN B 370 18.68 4.86 12.80
CA ASN B 370 17.95 5.88 12.04
C ASN B 370 18.72 6.37 10.84
N ASN B 371 19.96 5.95 10.67
CA ASN B 371 20.73 6.24 9.47
C ASN B 371 21.00 4.99 8.65
N GLY B 372 20.19 3.96 8.83
CA GLY B 372 20.31 2.75 8.04
C GLY B 372 21.59 1.99 8.27
N ILE B 373 22.17 2.12 9.46
CA ILE B 373 23.34 1.34 9.87
C ILE B 373 22.87 0.27 10.84
N PRO B 374 22.82 -0.99 10.44
CA PRO B 374 22.24 -2.02 11.32
C PRO B 374 23.10 -2.28 12.54
N SER B 375 22.46 -2.80 13.58
CA SER B 375 23.05 -2.93 14.90
C SER B 375 22.49 -4.16 15.57
N LEU B 376 23.22 -4.64 16.59
CA LEU B 376 22.71 -5.68 17.48
C LEU B 376 22.77 -5.24 18.93
N ASP B 377 22.99 -3.94 19.17
CA ASP B 377 23.14 -3.43 20.53
C ASP B 377 21.91 -3.74 21.40
N GLU B 378 20.72 -3.79 20.82
CA GLU B 378 19.54 -3.97 21.66
C GLU B 378 19.35 -5.41 22.11
N LEU B 379 20.13 -6.35 21.56
CA LEU B 379 20.15 -7.69 22.13
C LEU B 379 20.54 -7.70 23.60
N GLN B 380 21.25 -6.66 24.06
CA GLN B 380 21.62 -6.60 25.47
C GLN B 380 20.41 -6.45 26.38
N GLN B 381 19.25 -6.07 25.84
CA GLN B 381 18.04 -6.07 26.64
C GLN B 381 17.74 -7.45 27.20
N LEU B 382 18.15 -8.49 26.49
CA LEU B 382 17.86 -9.85 26.94
C LEU B 382 18.77 -10.29 28.09
N ASP B 383 19.80 -9.52 28.43
CA ASP B 383 20.61 -9.77 29.62
C ASP B 383 19.98 -9.18 30.89
N TRP B 384 18.81 -8.54 30.75
CA TRP B 384 18.11 -7.96 31.89
C TRP B 384 17.91 -8.95 33.02
N VAL B 385 17.52 -10.18 32.67
CA VAL B 385 17.36 -11.25 33.65
C VAL B 385 18.03 -12.50 33.09
N PRO B 386 18.33 -13.47 33.94
CA PRO B 386 18.94 -14.71 33.44
C PRO B 386 18.06 -15.41 32.41
N ASN B 387 18.70 -15.96 31.39
CA ASN B 387 18.02 -16.71 30.34
C ASN B 387 16.94 -15.85 29.67
N GLY B 388 17.24 -14.57 29.51
CA GLY B 388 16.27 -13.62 29.01
C GLY B 388 15.70 -13.90 27.64
N GLY B 389 14.38 -13.80 27.55
CA GLY B 389 13.71 -13.69 26.27
C GLY B 389 12.65 -12.61 26.37
N HIS B 390 12.05 -12.29 25.23
CA HIS B 390 10.98 -11.31 25.24
C HIS B 390 9.82 -11.78 24.36
N ILE B 391 8.66 -11.21 24.63
CA ILE B 391 7.49 -11.33 23.76
C ILE B 391 7.04 -9.92 23.44
N GLY B 392 6.55 -9.72 22.21
CA GLY B 392 6.10 -8.43 21.76
C GLY B 392 4.60 -8.31 21.83
N PHE B 393 4.12 -7.38 22.67
CA PHE B 393 2.71 -7.03 22.73
C PHE B 393 2.58 -5.61 22.21
N VAL B 394 2.03 -5.45 21.01
CA VAL B 394 2.11 -4.16 20.33
C VAL B 394 0.74 -3.67 19.86
N PRO B 395 -0.07 -3.12 20.76
CA PRO B 395 -1.32 -2.49 20.33
C PRO B 395 -1.09 -1.21 19.55
N VAL B 396 -2.01 -0.92 18.67
CA VAL B 396 -1.97 0.32 17.91
C VAL B 396 -2.72 1.38 18.70
N SER B 397 -2.18 2.60 18.72
CA SER B 397 -2.77 3.72 19.43
C SER B 397 -2.93 4.91 18.50
N ALA B 398 -4.03 5.64 18.63
CA ALA B 398 -4.11 6.97 18.04
C ALA B 398 -2.95 7.80 18.59
N PRO B 399 -2.42 8.75 17.82
CA PRO B 399 -1.36 9.63 18.36
C PRO B 399 -1.95 10.69 19.28
N ASP B 400 -2.49 10.21 20.39
CA ASP B 400 -3.21 11.00 21.37
C ASP B 400 -2.61 10.71 22.74
N GLY B 401 -2.27 11.76 23.48
CA GLY B 401 -1.60 11.58 24.76
C GLY B 401 -2.47 10.86 25.78
N ARG B 402 -3.76 11.16 25.79
CA ARG B 402 -4.66 10.48 26.71
C ARG B 402 -4.79 9.00 26.36
N GLU B 403 -4.93 8.68 25.06
CA GLU B 403 -5.00 7.27 24.67
C GLU B 403 -3.71 6.53 25.03
N ALA B 404 -2.56 7.16 24.80
CA ALA B 404 -1.28 6.56 25.20
C ALA B 404 -1.24 6.31 26.69
N MET B 405 -1.70 7.29 27.47
CA MET B 405 -1.71 7.16 28.93
C MET B 405 -2.64 6.04 29.37
N LYS B 406 -3.83 5.96 28.77
CA LYS B 406 -4.75 4.87 29.04
C LYS B 406 -4.10 3.51 28.80
N GLN B 407 -3.37 3.40 27.68
CA GLN B 407 -2.76 2.12 27.35
C GLN B 407 -1.61 1.81 28.31
N PHE B 408 -0.80 2.82 28.63
CA PHE B 408 0.29 2.68 29.59
C PHE B 408 -0.23 2.18 30.93
N GLU B 409 -1.30 2.80 31.44
CA GLU B 409 -1.82 2.42 32.74
C GLU B 409 -2.41 1.01 32.71
N MET B 410 -3.11 0.66 31.62
CA MET B 410 -3.72 -0.67 31.52
C MET B 410 -2.66 -1.76 31.42
N VAL B 411 -1.59 -1.52 30.69
CA VAL B 411 -0.55 -2.53 30.55
C VAL B 411 0.27 -2.61 31.84
N ARG B 412 0.66 -1.45 32.39
CA ARG B 412 1.43 -1.42 33.64
C ARG B 412 0.70 -2.16 34.75
N ASN B 413 -0.62 -2.01 34.82
CA ASN B 413 -1.42 -2.68 35.84
C ASN B 413 -1.29 -4.19 35.75
N ARG B 414 -1.50 -4.75 34.54
CA ARG B 414 -1.40 -6.20 34.38
C ARG B 414 0.05 -6.66 34.50
N ALA B 415 0.99 -5.84 34.04
CA ALA B 415 2.40 -6.16 34.20
C ALA B 415 2.73 -6.38 35.67
N ASN B 416 2.28 -5.44 36.52
CA ASN B 416 2.55 -5.55 37.95
C ASN B 416 1.87 -6.78 38.54
N GLU B 417 0.62 -7.03 38.14
CA GLU B 417 -0.11 -8.16 38.67
C GLU B 417 0.61 -9.48 38.41
N TYR B 418 1.27 -9.59 37.26
CA TYR B 418 1.97 -10.81 36.89
C TYR B 418 3.49 -10.71 37.10
N ASN B 419 3.96 -9.69 37.82
CA ASN B 419 5.38 -9.47 38.14
C ASN B 419 6.28 -9.52 36.90
N LYS B 420 5.88 -8.78 35.88
CA LYS B 420 6.75 -8.59 34.73
C LYS B 420 7.02 -7.12 34.56
N ASP B 421 8.29 -6.77 34.35
CA ASP B 421 8.61 -5.38 34.07
C ASP B 421 8.00 -4.97 32.76
N TYR B 422 7.57 -3.72 32.69
CA TYR B 422 6.90 -3.21 31.52
C TYR B 422 7.86 -2.28 30.79
N MET B 423 8.51 -2.80 29.76
CA MET B 423 9.35 -2.02 28.86
C MET B 423 8.47 -1.49 27.73
N ALA B 424 8.39 -0.17 27.58
CA ALA B 424 7.49 0.45 26.62
C ALA B 424 8.25 1.31 25.62
N SER B 425 7.82 1.25 24.36
CA SER B 425 8.33 2.15 23.33
C SER B 425 7.21 2.48 22.35
N PHE B 426 6.78 3.72 22.32
CA PHE B 426 5.88 4.17 21.27
C PHE B 426 6.68 4.50 20.02
N VAL B 427 6.39 3.79 18.93
CA VAL B 427 7.01 3.96 17.64
C VAL B 427 6.02 4.73 16.76
N ILE B 428 6.36 5.96 16.40
CA ILE B 428 5.35 6.94 16.01
C ILE B 428 5.32 7.10 14.50
N GLY B 429 4.20 6.71 13.88
CA GLY B 429 4.00 6.96 12.46
C GLY B 429 3.41 8.34 12.26
N LEU B 430 2.81 8.53 11.08
CA LEU B 430 2.20 9.82 10.77
C LEU B 430 0.94 10.04 11.58
N ARG B 431 0.06 9.02 11.63
CA ARG B 431 -1.27 9.16 12.21
C ARG B 431 -1.57 8.05 13.20
N GLU B 432 -0.59 7.26 13.56
CA GLU B 432 -0.80 6.10 14.42
C GLU B 432 0.47 5.86 15.20
N MET B 433 0.36 5.15 16.30
CA MET B 433 1.53 4.75 17.07
C MET B 433 1.47 3.27 17.32
N TYR B 434 2.62 2.60 17.18
CA TYR B 434 2.79 1.23 17.63
C TYR B 434 3.28 1.30 19.07
N HIS B 435 2.43 0.93 20.03
CA HIS B 435 2.77 0.95 21.46
C HIS B 435 3.46 -0.37 21.79
N VAL B 436 4.78 -0.39 21.67
CA VAL B 436 5.53 -1.64 21.78
C VAL B 436 5.70 -1.95 23.26
N CYS B 437 5.15 -3.07 23.70
CA CYS B 437 5.34 -3.54 25.07
C CYS B 437 6.19 -4.80 25.00
N LEU B 438 7.43 -4.71 25.45
CA LEU B 438 8.33 -5.84 25.52
C LEU B 438 8.35 -6.35 26.94
N PHE B 439 8.03 -7.61 27.12
CA PHE B 439 8.10 -8.26 28.42
C PHE B 439 9.27 -9.23 28.39
N ILE B 440 10.31 -8.92 29.17
CA ILE B 440 11.51 -9.74 29.26
C ILE B 440 11.39 -10.65 30.48
N TYR B 441 11.79 -11.90 30.33
CA TYR B 441 11.52 -12.90 31.35
C TYR B 441 12.51 -14.04 31.25
N ASP B 442 12.60 -14.83 32.32
CA ASP B 442 13.49 -15.99 32.38
C ASP B 442 12.86 -17.13 31.60
N THR B 443 13.41 -17.43 30.42
CA THR B 443 12.84 -18.46 29.56
C THR B 443 13.06 -19.87 30.09
N ALA B 444 13.96 -20.04 31.05
CA ALA B 444 14.17 -21.35 31.65
C ALA B 444 13.17 -21.66 32.75
N ASP B 445 12.45 -20.65 33.21
CA ASP B 445 11.54 -20.77 34.34
C ASP B 445 10.14 -21.05 33.81
N PRO B 446 9.59 -22.26 33.96
CA PRO B 446 8.28 -22.56 33.35
C PRO B 446 7.13 -21.74 33.93
N GLU B 447 7.24 -21.31 35.19
CA GLU B 447 6.19 -20.48 35.76
C GLU B 447 6.22 -19.08 35.17
N ALA B 448 7.43 -18.55 34.93
CA ALA B 448 7.54 -17.28 34.24
C ALA B 448 6.96 -17.37 32.83
N ARG B 449 7.22 -18.49 32.13
CA ARG B 449 6.70 -18.65 30.78
C ARG B 449 5.19 -18.69 30.77
N GLU B 450 4.58 -19.41 31.73
CA GLU B 450 3.13 -19.48 31.79
C GLU B 450 2.54 -18.14 32.21
N GLU B 451 3.22 -17.43 33.10
CA GLU B 451 2.75 -16.10 33.48
C GLU B 451 2.74 -15.17 32.27
N ILE B 452 3.78 -15.23 31.45
CA ILE B 452 3.84 -14.40 30.24
C ILE B 452 2.66 -14.71 29.33
N LEU B 453 2.37 -15.99 29.14
CA LEU B 453 1.29 -16.40 28.25
C LEU B 453 -0.06 -15.95 28.79
N GLN B 454 -0.31 -16.18 30.08
CA GLN B 454 -1.60 -15.80 30.64
C GLN B 454 -1.74 -14.29 30.72
N MET B 455 -0.65 -13.59 31.04
CA MET B 455 -0.68 -12.13 31.09
C MET B 455 -1.01 -11.54 29.73
N THR B 456 -0.40 -12.05 28.67
CA THR B 456 -0.62 -11.43 27.37
C THR B 456 -1.98 -11.78 26.80
N LYS B 457 -2.49 -13.00 27.07
CA LYS B 457 -3.86 -13.29 26.67
C LYS B 457 -4.85 -12.36 27.37
N VAL B 458 -4.62 -12.08 28.65
CA VAL B 458 -5.44 -11.11 29.36
C VAL B 458 -5.37 -9.76 28.66
N LEU B 459 -4.15 -9.35 28.30
CA LEU B 459 -3.95 -8.02 27.72
C LEU B 459 -4.56 -7.90 26.34
N VAL B 460 -4.52 -8.98 25.54
CA VAL B 460 -5.17 -8.94 24.24
C VAL B 460 -6.67 -8.70 24.40
N ARG B 461 -7.29 -9.43 25.34
CA ARG B 461 -8.72 -9.27 25.58
C ARG B 461 -9.04 -7.90 26.16
N GLU B 462 -8.27 -7.48 27.17
CA GLU B 462 -8.54 -6.20 27.82
C GLU B 462 -8.35 -5.04 26.86
N ALA B 463 -7.27 -5.08 26.07
CA ALA B 463 -7.05 -4.05 25.06
C ALA B 463 -8.21 -4.00 24.07
N ALA B 464 -8.67 -5.18 23.63
CA ALA B 464 -9.76 -5.20 22.65
C ALA B 464 -11.05 -4.65 23.25
N GLU B 465 -11.33 -4.98 24.51
CA GLU B 465 -12.51 -4.43 25.16
C GLU B 465 -12.43 -2.91 25.23
N ALA B 466 -11.22 -2.36 25.22
CA ALA B 466 -11.01 -0.92 25.21
C ALA B 466 -10.93 -0.33 23.81
N GLY B 467 -11.10 -1.16 22.77
CA GLY B 467 -11.04 -0.67 21.40
C GLY B 467 -9.67 -0.71 20.75
N TYR B 468 -8.73 -1.47 21.30
CA TYR B 468 -7.36 -1.50 20.79
C TYR B 468 -7.04 -2.88 20.22
N GLY B 469 -6.35 -2.89 19.07
CA GLY B 469 -5.93 -4.15 18.49
C GLY B 469 -4.44 -4.15 18.23
N GLU B 470 -3.83 -5.31 18.09
CA GLU B 470 -2.38 -5.39 17.88
C GLU B 470 -2.05 -5.53 16.40
N TYR B 471 -0.91 -4.94 16.01
CA TYR B 471 -0.53 -4.93 14.60
C TYR B 471 0.14 -6.21 14.17
N ARG B 472 0.58 -7.02 15.11
CA ARG B 472 1.47 -8.15 14.88
C ARG B 472 1.52 -8.89 16.19
N THR B 473 1.72 -10.22 16.16
CA THR B 473 1.75 -10.93 17.43
C THR B 473 2.44 -12.27 17.30
N HIS B 474 2.62 -12.89 18.46
CA HIS B 474 3.30 -14.16 18.64
C HIS B 474 2.40 -15.33 18.29
N ASN B 475 3.01 -16.42 17.81
CA ASN B 475 2.32 -17.70 17.56
C ASN B 475 1.27 -17.99 18.62
N ALA B 476 1.63 -17.85 19.89
CA ALA B 476 0.75 -18.24 20.98
C ALA B 476 -0.49 -17.38 21.08
N LEU B 477 -0.48 -16.21 20.45
CA LEU B 477 -1.55 -15.24 20.58
C LEU B 477 -2.32 -15.03 19.29
N MET B 478 -1.94 -15.71 18.19
CA MET B 478 -2.52 -15.39 16.89
C MET B 478 -4.01 -15.64 16.86
N ASP B 479 -4.48 -16.77 17.41
CA ASP B 479 -5.92 -17.00 17.44
C ASP B 479 -6.62 -15.93 18.25
N ASP B 480 -6.06 -15.59 19.43
CA ASP B 480 -6.68 -14.60 20.30
C ASP B 480 -6.74 -13.22 19.63
N VAL B 481 -5.67 -12.84 18.93
CA VAL B 481 -5.65 -11.51 18.29
C VAL B 481 -6.64 -11.47 17.12
N MET B 482 -6.63 -12.50 16.28
CA MET B 482 -7.58 -12.47 15.16
C MET B 482 -9.02 -12.52 15.66
N ALA B 483 -9.24 -13.17 16.81
CA ALA B 483 -10.59 -13.21 17.38
C ALA B 483 -11.09 -11.82 17.75
N THR B 484 -10.17 -10.87 18.01
CA THR B 484 -10.60 -9.52 18.35
C THR B 484 -11.05 -8.73 17.14
N PHE B 485 -10.64 -9.13 15.94
CA PHE B 485 -10.99 -8.38 14.73
C PHE B 485 -12.27 -8.94 14.10
N ASN B 486 -13.32 -9.05 14.92
CA ASN B 486 -14.48 -9.87 14.60
C ASN B 486 -15.72 -9.03 14.28
N TRP B 487 -15.54 -7.81 13.79
CA TRP B 487 -16.67 -7.02 13.33
C TRP B 487 -17.54 -7.82 12.37
N GLY B 488 -18.85 -7.63 12.46
CA GLY B 488 -19.73 -8.33 11.53
C GLY B 488 -19.72 -9.83 11.68
N ASP B 489 -19.67 -10.33 12.91
CA ASP B 489 -19.69 -11.78 13.18
C ASP B 489 -18.49 -12.48 12.57
N GLY B 490 -17.32 -11.87 12.71
CA GLY B 490 -16.10 -12.49 12.21
C GLY B 490 -15.96 -12.44 10.72
N ALA B 491 -16.43 -11.36 10.09
CA ALA B 491 -16.46 -11.28 8.63
C ALA B 491 -15.06 -11.32 8.04
N LEU B 492 -14.11 -10.64 8.68
CA LEU B 492 -12.75 -10.58 8.12
C LEU B 492 -12.11 -11.96 8.07
N LEU B 493 -12.19 -12.72 9.16
CA LEU B 493 -11.60 -14.04 9.18
C LEU B 493 -12.30 -14.97 8.21
N LYS B 494 -13.63 -14.85 8.08
CA LYS B 494 -14.34 -15.71 7.14
C LYS B 494 -13.87 -15.46 5.71
N PHE B 495 -13.62 -14.18 5.38
CA PHE B 495 -13.10 -13.81 4.07
C PHE B 495 -11.72 -14.42 3.84
N HIS B 496 -10.85 -14.33 4.86
CA HIS B 496 -9.51 -14.88 4.74
C HIS B 496 -9.55 -16.39 4.59
N GLU B 497 -10.42 -17.06 5.36
CA GLU B 497 -10.53 -18.51 5.27
C GLU B 497 -10.97 -18.94 3.88
N LYS B 498 -11.90 -18.19 3.28
CA LYS B 498 -12.39 -18.55 1.97
C LYS B 498 -11.29 -18.45 0.92
N ILE B 499 -10.44 -17.43 1.03
CA ILE B 499 -9.32 -17.30 0.11
C ILE B 499 -8.26 -18.35 0.40
N LYS B 500 -8.01 -18.63 1.67
CA LYS B 500 -7.07 -19.66 2.06
C LYS B 500 -7.48 -21.00 1.46
N ASP B 501 -8.75 -21.38 1.61
CA ASP B 501 -9.17 -22.69 1.13
C ASP B 501 -9.16 -22.78 -0.39
N ALA B 502 -9.37 -21.65 -1.07
CA ALA B 502 -9.35 -21.67 -2.52
C ALA B 502 -7.94 -21.85 -3.07
N LEU B 503 -6.98 -21.13 -2.49
CA LEU B 503 -5.60 -21.20 -2.98
C LEU B 503 -4.85 -22.40 -2.42
N ASP B 504 -5.30 -22.92 -1.28
CA ASP B 504 -4.59 -23.96 -0.54
C ASP B 504 -5.57 -25.08 -0.20
N PRO B 505 -6.11 -25.77 -1.20
CA PRO B 505 -7.17 -26.76 -0.92
C PRO B 505 -6.70 -27.92 -0.06
N ASN B 506 -5.41 -28.24 -0.07
CA ASN B 506 -4.91 -29.30 0.80
C ASN B 506 -4.41 -28.80 2.15
N GLY B 507 -4.49 -27.49 2.42
CA GLY B 507 -4.18 -26.97 3.73
C GLY B 507 -2.74 -27.17 4.13
N ILE B 508 -1.81 -26.65 3.32
CA ILE B 508 -0.39 -26.95 3.44
C ILE B 508 0.39 -25.79 4.06
N ILE B 509 0.14 -24.56 3.62
CA ILE B 509 1.05 -23.47 3.98
C ILE B 509 0.67 -22.88 5.34
N ALA B 510 1.67 -22.82 6.25
CA ALA B 510 1.65 -22.21 7.59
C ALA B 510 0.26 -22.17 8.20
N PRO B 511 -0.36 -23.32 8.44
CA PRO B 511 -1.72 -23.30 9.01
C PRO B 511 -1.74 -22.58 10.35
N GLY B 512 -2.71 -21.68 10.51
CA GLY B 512 -2.86 -20.94 11.73
C GLY B 512 -2.17 -19.61 11.80
N LYS B 513 -1.28 -19.31 10.84
CA LYS B 513 -0.70 -17.98 10.75
C LYS B 513 -1.80 -16.93 10.76
N SER B 514 -1.64 -15.92 11.62
CA SER B 514 -2.62 -14.84 11.79
C SER B 514 -4.01 -15.37 12.14
N GLY B 515 -4.08 -16.54 12.75
CA GLY B 515 -5.36 -17.14 13.08
C GLY B 515 -6.12 -17.73 11.91
N ILE B 516 -5.48 -17.89 10.76
CA ILE B 516 -6.14 -18.35 9.55
C ILE B 516 -5.82 -19.83 9.34
N TRP B 517 -6.81 -20.67 9.57
CA TRP B 517 -6.64 -22.11 9.49
C TRP B 517 -7.36 -22.67 8.28
N PRO B 518 -6.70 -23.51 7.48
CA PRO B 518 -7.40 -24.18 6.38
C PRO B 518 -8.43 -25.16 6.93
N GLN B 519 -9.33 -25.56 6.03
CA GLN B 519 -10.53 -26.31 6.41
C GLN B 519 -10.19 -27.54 7.24
N ARG B 520 -9.15 -28.28 6.85
CA ARG B 520 -8.87 -29.56 7.51
C ARG B 520 -8.43 -29.40 8.96
N PHE B 521 -8.06 -28.20 9.39
CA PHE B 521 -7.60 -27.97 10.75
C PHE B 521 -8.56 -27.16 11.61
N ARG B 522 -9.66 -26.65 11.04
CA ARG B 522 -10.54 -25.80 11.83
C ARG B 522 -11.36 -26.65 12.81
N GLY B 523 -11.69 -26.05 13.94
CA GLY B 523 -12.47 -26.74 14.94
C GLY B 523 -11.67 -27.64 15.84
N GLN B 524 -10.35 -27.49 15.86
CA GLN B 524 -9.46 -28.38 16.58
C GLN B 524 -8.72 -27.59 17.65
N ASN B 525 -8.06 -28.30 18.56
CA ASN B 525 -7.21 -27.63 19.54
C ASN B 525 -5.76 -27.76 19.09
N LEU B 526 -5.51 -27.06 17.97
CA LEU B 526 -4.23 -26.87 17.30
C LEU B 526 -4.07 -27.70 16.04
PA FAD C . -16.61 5.59 -10.90
O1A FAD C . -16.91 5.68 -12.35
O2A FAD C . -17.76 5.66 -9.92
O5B FAD C . -15.85 4.25 -10.56
C5B FAD C . -14.71 3.80 -11.32
C4B FAD C . -14.68 2.29 -11.27
O4B FAD C . -14.35 1.86 -9.92
C3B FAD C . -16.00 1.59 -11.57
O3B FAD C . -16.16 1.36 -12.98
C2B FAD C . -15.84 0.26 -10.82
O2B FAD C . -14.97 -0.62 -11.50
C1B FAD C . -15.13 0.73 -9.55
N9A FAD C . -16.03 1.14 -8.48
C8A FAD C . -16.51 2.41 -8.25
N7A FAD C . -17.28 2.51 -7.20
C5A FAD C . -17.31 1.21 -6.70
C6A FAD C . -17.94 0.66 -5.57
N6A FAD C . -18.70 1.36 -4.72
N1A FAD C . -17.75 -0.66 -5.34
C2A FAD C . -16.98 -1.36 -6.17
N3A FAD C . -16.33 -0.95 -7.25
C4A FAD C . -16.54 0.36 -7.47
N1 FAD C . -8.56 10.07 -13.81
C2 FAD C . -7.62 10.22 -12.83
O2 FAD C . -7.49 9.36 -11.94
N3 FAD C . -6.79 11.32 -12.85
C4 FAD C . -6.84 12.35 -13.76
O4 FAD C . -6.09 13.31 -13.67
C4X FAD C . -7.85 12.18 -14.80
N5 FAD C . -7.94 13.09 -15.72
C5X FAD C . -8.91 12.92 -16.70
C6 FAD C . -9.01 13.90 -17.70
C7 FAD C . -9.97 13.80 -18.71
C7M FAD C . -10.04 14.86 -19.77
C8 FAD C . -10.82 12.68 -18.74
C8M FAD C . -11.86 12.53 -19.82
C9 FAD C . -10.72 11.70 -17.74
C9A FAD C . -9.76 11.82 -16.73
N10 FAD C . -9.62 10.85 -15.70
C10 FAD C . -8.66 11.00 -14.74
C1' FAD C . -10.50 9.67 -15.62
C2' FAD C . -11.83 9.95 -14.88
O2' FAD C . -12.34 11.25 -15.18
C3' FAD C . -11.64 9.92 -13.36
O3' FAD C . -10.76 8.88 -12.92
C4' FAD C . -12.93 9.80 -12.53
O4' FAD C . -12.75 10.40 -11.23
C5' FAD C . -13.35 8.35 -12.38
O5' FAD C . -14.80 8.28 -12.28
P FAD C . -15.52 8.22 -10.87
O1P FAD C . -16.99 8.65 -11.04
O2P FAD C . -14.73 8.97 -9.87
O3P FAD C . -15.53 6.68 -10.51
CAA QBF D . -8.38 9.29 -18.64
CAC QBF D . -6.56 9.63 -17.21
CAD QBF D . -6.33 10.90 -17.73
CAE QBF D . -5.27 11.68 -17.23
CAF QBF D . -4.43 11.19 -16.22
CAG QBF D . -4.67 9.89 -15.73
CAH QBF D . -5.74 9.16 -16.21
CAK QBF D . -2.86 10.06 -14.31
CAL QBF D . -5.13 12.94 -17.84
CAM QBF D . -3.85 13.70 -17.47
CAN QBF D . -3.83 15.03 -18.26
OAB QBF D . -7.56 8.80 -17.60
OAI QBF D . -5.95 7.91 -15.72
OAJ QBF D . -3.96 9.26 -14.75
OAO QBF D . -2.67 15.83 -17.92
C1 GOL E . -1.68 28.83 -0.17
O1 GOL E . -2.38 29.89 -0.79
C2 GOL E . -2.25 27.54 -0.86
O2 GOL E . -2.13 27.61 -2.25
C3 GOL E . -1.44 26.36 -0.26
O3 GOL E . -2.01 25.15 -0.75
C1 GOL F . -0.65 30.82 -3.94
O1 GOL F . -1.89 30.95 -4.62
C2 GOL F . -0.55 32.06 -3.01
O2 GOL F . -1.55 32.05 -2.04
C3 GOL F . 0.88 32.03 -2.42
O3 GOL F . 0.86 31.13 -1.35
PA FAD G . 11.43 -14.22 9.41
O1A FAD G . 11.38 -14.79 10.78
O2A FAD G . 12.20 -14.94 8.34
O5B FAD G . 9.96 -14.03 8.84
C5B FAD G . 8.89 -13.53 9.68
C4B FAD G . 7.61 -14.19 9.24
O4B FAD G . 7.27 -13.75 7.90
C3B FAD G . 7.66 -15.71 9.13
O3B FAD G . 7.40 -16.30 10.41
C2B FAD G . 6.54 -15.98 8.12
O2B FAD G . 5.26 -15.83 8.73
C1B FAD G . 6.75 -14.82 7.14
N9A FAD G . 7.69 -15.12 6.07
C8A FAD G . 9.04 -14.89 6.09
N7A FAD G . 9.66 -15.26 5.01
C5A FAD G . 8.65 -15.77 4.21
C6A FAD G . 8.66 -16.31 2.91
N6A FAD G . 9.76 -16.45 2.17
N1A FAD G . 7.47 -16.72 2.39
C2A FAD G . 6.37 -16.59 3.13
N3A FAD G . 6.24 -16.08 4.37
C4A FAD G . 7.42 -15.70 4.86
N1 FAD G . 10.82 -6.01 14.52
C2 FAD G . 10.60 -4.89 13.77
O2 FAD G . 9.96 -4.94 12.72
N3 FAD G . 11.14 -3.69 14.19
C4 FAD G . 11.89 -3.48 15.33
O4 FAD G . 12.32 -2.36 15.60
C4X FAD G . 12.10 -4.67 16.12
N5 FAD G . 12.81 -4.58 17.22
C5X FAD G . 13.01 -5.73 17.97
C6 FAD G . 13.75 -5.63 19.15
C7 FAD G . 13.99 -6.74 19.95
C7M FAD G . 14.79 -6.59 21.21
C8 FAD G . 13.48 -8.00 19.55
C8M FAD G . 13.72 -9.23 20.38
C9 FAD G . 12.74 -8.10 18.37
C9A FAD G . 12.50 -6.98 17.58
N10 FAD G . 11.76 -7.05 16.37
C10 FAD G . 11.54 -5.91 15.62
C1' FAD G . 11.19 -8.31 15.88
C2' FAD G . 12.17 -9.14 15.02
O2' FAD G . 13.48 -9.11 15.59
C3' FAD G . 12.27 -8.57 13.60
O3' FAD G . 10.98 -8.22 13.07
C4' FAD G . 12.93 -9.53 12.60
O4' FAD G . 13.56 -8.77 11.57
C5' FAD G . 11.94 -10.51 11.99
O5' FAD G . 12.63 -11.76 11.69
P FAD G . 13.16 -12.07 10.24
O1P FAD G . 14.26 -13.15 10.30
O2P FAD G . 13.57 -10.80 9.56
O3P FAD G . 11.91 -12.71 9.46
CAA QBF H . 9.46 -7.44 19.04
CAC QBF H . 8.97 -5.39 18.04
CAD QBF H . 9.86 -4.71 18.86
CAE QBF H . 10.04 -3.33 18.72
CAF QBF H . 9.30 -2.62 17.75
CAG QBF H . 8.39 -3.31 16.95
CAH QBF H . 8.23 -4.68 17.10
CAK QBF H . 7.81 -1.34 15.88
CAL QBF H . 10.98 -2.71 19.58
CAM QBF H . 10.94 -1.18 19.61
CAN QBF H . 11.95 -0.66 20.65
OAB QBF H . 8.70 -6.73 18.07
OAI QBF H . 7.36 -5.35 16.31
OAJ QBF H . 7.60 -2.76 15.97
OAO QBF H . 11.89 0.77 20.76
#